data_4JX2
#
_entry.id   4JX2
#
_cell.length_a   121.943
_cell.length_b   145.086
_cell.length_c   63.947
_cell.angle_alpha   90.000
_cell.angle_beta   90.000
_cell.angle_gamma   90.000
#
_symmetry.space_group_name_H-M   'P 21 21 2'
#
loop_
_entity.id
_entity.type
_entity.pdbx_description
1 polymer 'hypothetical protein'
2 non-polymer 'CHLORIDE ION'
3 non-polymer 'SULFATE ION'
4 non-polymer 'TRIETHYLENE GLYCOL'
5 non-polymer 'PENTAETHYLENE GLYCOL'
6 non-polymer DI(HYDROXYETHYL)ETHER
7 water water
#
_entity_poly.entity_id   1
_entity_poly.type   'polypeptide(L)'
_entity_poly.pdbx_seq_one_letter_code
;GHTNNTNNKGLSASINNGVGSSSSNNTYVTPQAFWNLYFDFTGDETPGYPKGKINISQTLFQSE(MSE)KKNSSLAQQNE
GQLILFINSTLYIYNSDRQLKLKQL(MSE)RTAPNSGFTE(MSE)TAISHIGPAL(MSE)YLAKIKENGDASWKSQ
(MSE)ENLLKDIQAVKVINAQTPNNWLEQVNAPAWKPHLTTIHN(MSE)IDYACS(MSE)AGNY(MSE)SDVLNEKLSFD
(MSE)ASLQNDFLNGNKTYPIPYNNV(MSE)IGTF(MSE)LTALQS(MSE)DQLHSKISQLKIDWPHAKVIIRFVAGSNV
SAGVSKGSNWLVPFVQALSNNKLATDRIYITPYAAVKPSLGAQELTQADYNYYNNTVWGARHNRRIIANEVFTNITSIFL
PDRPAIPGDYTYSKPPKIEDFL(MSE)RLKFSLAEPTE(MSE)LSNTVGFW(MSE)AGELAEKNWNYNKISIPGITTGFP
EGISTYPNNNPVIQR
;
_entity_poly.pdbx_strand_id   A,B
#
loop_
_chem_comp.id
_chem_comp.type
_chem_comp.name
_chem_comp.formula
1PE non-polymer 'PENTAETHYLENE GLYCOL' 'C10 H22 O6'
CL non-polymer 'CHLORIDE ION' 'Cl -1'
PEG non-polymer DI(HYDROXYETHYL)ETHER 'C4 H10 O3'
PGE non-polymer 'TRIETHYLENE GLYCOL' 'C6 H14 O4'
SO4 non-polymer 'SULFATE ION' 'O4 S -2'
#
# COMPACT_ATOMS: atom_id res chain seq x y z
N ASN A 26 -6.35 10.43 -34.97
CA ASN A 26 -5.95 11.83 -34.90
C ASN A 26 -4.49 12.03 -35.35
N THR A 27 -4.25 13.07 -36.17
CA THR A 27 -2.93 13.43 -36.70
C THR A 27 -2.24 14.51 -35.82
N TYR A 28 -2.89 14.92 -34.70
CA TYR A 28 -2.39 15.93 -33.76
C TYR A 28 -1.00 15.62 -33.26
N VAL A 29 -0.19 16.67 -33.20
CA VAL A 29 1.19 16.63 -32.73
C VAL A 29 1.38 17.78 -31.75
N THR A 30 1.83 17.47 -30.53
CA THR A 30 2.15 18.50 -29.53
C THR A 30 3.23 19.44 -30.12
N PRO A 31 2.95 20.77 -30.17
CA PRO A 31 3.97 21.72 -30.67
C PRO A 31 5.32 21.57 -29.96
N GLN A 32 6.42 21.65 -30.74
CA GLN A 32 7.78 21.49 -30.23
C GLN A 32 8.09 22.46 -29.07
N ALA A 33 7.60 23.71 -29.15
CA ALA A 33 7.81 24.70 -28.10
C ALA A 33 7.36 24.15 -26.76
N PHE A 34 6.22 23.39 -26.73
CA PHE A 34 5.72 22.80 -25.47
C PHE A 34 6.66 21.71 -24.95
N TRP A 35 7.20 20.85 -25.82
CA TRP A 35 8.14 19.82 -25.41
C TRP A 35 9.40 20.46 -24.85
N ASN A 36 9.92 21.50 -25.54
CA ASN A 36 11.11 22.23 -25.09
C ASN A 36 10.91 22.78 -23.67
N LEU A 37 9.74 23.41 -23.40
CA LEU A 37 9.40 23.94 -22.08
C LEU A 37 9.28 22.81 -21.08
N TYR A 38 8.63 21.69 -21.46
CA TYR A 38 8.43 20.53 -20.61
C TYR A 38 9.78 19.97 -20.12
N PHE A 39 10.70 19.74 -21.05
CA PHE A 39 12.01 19.16 -20.81
C PHE A 39 12.98 20.10 -20.09
N ASP A 40 12.63 21.40 -19.94
CA ASP A 40 13.42 22.39 -19.19
C ASP A 40 13.40 22.09 -17.70
N PHE A 41 12.34 21.46 -17.20
CA PHE A 41 12.25 21.14 -15.79
C PHE A 41 12.36 19.63 -15.51
N THR A 42 11.61 18.80 -16.24
CA THR A 42 11.61 17.37 -15.92
C THR A 42 11.74 16.50 -17.18
N GLY A 43 11.50 15.20 -17.02
CA GLY A 43 11.55 14.23 -18.09
C GLY A 43 12.88 13.55 -18.33
N ASP A 44 13.91 13.84 -17.52
CA ASP A 44 15.27 13.32 -17.65
C ASP A 44 15.39 11.80 -17.56
N GLU A 45 14.40 11.12 -16.96
CA GLU A 45 14.38 9.65 -16.83
C GLU A 45 13.51 8.98 -17.93
N THR A 46 12.65 9.78 -18.58
CA THR A 46 11.69 9.34 -19.59
C THR A 46 12.36 9.10 -20.94
N PRO A 47 11.99 8.01 -21.66
CA PRO A 47 12.52 7.84 -23.03
C PRO A 47 11.88 8.92 -23.90
N GLY A 48 12.72 9.57 -24.70
CA GLY A 48 12.30 10.68 -25.56
C GLY A 48 12.98 11.96 -25.11
N TYR A 49 13.55 11.94 -23.89
CA TYR A 49 14.29 13.08 -23.35
C TYR A 49 15.45 13.40 -24.30
N PRO A 50 15.63 14.70 -24.66
CA PRO A 50 16.70 15.06 -25.59
C PRO A 50 18.09 14.77 -25.04
N LYS A 51 18.86 14.11 -25.90
CA LYS A 51 20.24 13.77 -25.63
C LYS A 51 21.05 15.06 -25.47
N GLY A 52 21.82 15.12 -24.39
CA GLY A 52 22.71 16.22 -24.04
C GLY A 52 22.15 17.28 -23.12
N LYS A 53 20.82 17.27 -22.88
CA LYS A 53 20.18 18.27 -22.05
C LYS A 53 20.42 18.07 -20.56
N ILE A 54 20.59 19.19 -19.86
CA ILE A 54 20.68 19.24 -18.41
C ILE A 54 19.52 20.14 -17.99
N ASN A 55 18.46 19.53 -17.43
CA ASN A 55 17.28 20.27 -17.02
C ASN A 55 17.46 20.88 -15.61
N ILE A 56 16.44 21.62 -15.13
CA ILE A 56 16.49 22.32 -13.85
C ILE A 56 16.58 21.30 -12.66
N SER A 57 15.85 20.16 -12.72
CA SER A 57 15.90 19.12 -11.69
C SER A 57 17.33 18.55 -11.54
N GLN A 58 18.00 18.29 -12.67
CA GLN A 58 19.38 17.78 -12.72
C GLN A 58 20.38 18.79 -12.14
N THR A 59 20.21 20.09 -12.45
CA THR A 59 21.05 21.16 -11.92
C THR A 59 20.89 21.21 -10.40
N LEU A 60 19.63 21.15 -9.89
CA LEU A 60 19.38 21.13 -8.44
C LEU A 60 20.10 19.97 -7.80
N PHE A 61 19.98 18.78 -8.41
CA PHE A 61 20.62 17.56 -7.96
C PHE A 61 22.14 17.77 -7.92
N GLN A 62 22.75 18.25 -9.03
CA GLN A 62 24.19 18.53 -9.15
C GLN A 62 24.66 19.55 -8.10
N SER A 63 23.96 20.69 -7.93
CA SER A 63 24.29 21.78 -6.99
C SER A 63 24.24 21.35 -5.51
N GLU A 64 23.31 20.42 -5.19
CA GLU A 64 23.06 19.88 -3.86
C GLU A 64 24.18 18.92 -3.46
N MSE A 65 24.85 18.31 -4.46
CA MSE A 65 25.95 17.38 -4.27
C MSE A 65 27.23 18.11 -3.89
O MSE A 65 28.06 17.54 -3.17
CB MSE A 65 26.18 16.54 -5.53
CG MSE A 65 25.14 15.46 -5.74
SE MSE A 65 25.86 13.97 -6.81
CE MSE A 65 26.44 14.96 -8.48
N LYS A 66 27.42 19.36 -4.39
CA LYS A 66 28.57 20.21 -4.06
C LYS A 66 28.48 20.58 -2.57
N LYS A 67 27.23 20.82 -2.09
CA LYS A 67 26.86 21.16 -0.71
C LYS A 67 27.12 19.97 0.23
N ALA A 72 20.69 15.54 0.13
CA ALA A 72 20.51 14.39 -0.75
C ALA A 72 20.83 13.04 -0.01
N GLN A 73 21.01 11.93 -0.76
CA GLN A 73 21.31 10.59 -0.22
C GLN A 73 22.73 10.12 -0.68
N GLN A 74 23.53 9.55 0.27
CA GLN A 74 24.89 9.06 0.05
C GLN A 74 24.97 7.51 -0.07
N ASN A 75 26.21 6.97 -0.24
CA ASN A 75 26.52 5.54 -0.41
C ASN A 75 26.63 4.77 0.92
N GLU A 76 27.01 5.47 2.04
CA GLU A 76 27.18 4.86 3.36
C GLU A 76 25.83 4.41 4.00
N GLY A 77 25.92 3.48 4.94
CA GLY A 77 24.76 2.93 5.63
C GLY A 77 24.38 1.57 5.08
N GLN A 78 23.79 0.76 5.95
CA GLN A 78 23.40 -0.59 5.60
C GLN A 78 22.00 -0.66 5.03
N LEU A 79 21.79 -1.61 4.10
CA LEU A 79 20.52 -1.85 3.45
C LEU A 79 19.81 -2.95 4.21
N ILE A 80 18.66 -2.63 4.83
CA ILE A 80 17.87 -3.62 5.60
C ILE A 80 16.64 -3.89 4.75
N LEU A 81 16.60 -5.10 4.10
CA LEU A 81 15.57 -5.48 3.13
C LEU A 81 14.69 -6.64 3.56
N PHE A 82 13.42 -6.33 3.84
CA PHE A 82 12.39 -7.32 4.16
C PHE A 82 11.67 -7.58 2.87
N ILE A 83 12.12 -8.58 2.12
CA ILE A 83 11.57 -8.89 0.81
C ILE A 83 10.98 -10.28 0.82
N ASN A 84 9.64 -10.33 0.58
CA ASN A 84 8.78 -11.52 0.57
C ASN A 84 8.69 -12.10 1.99
N SER A 85 9.49 -13.13 2.35
CA SER A 85 9.47 -13.69 3.71
C SER A 85 10.82 -13.53 4.42
N THR A 86 11.88 -13.14 3.67
CA THR A 86 13.23 -13.06 4.18
C THR A 86 13.70 -11.64 4.48
N LEU A 87 14.53 -11.51 5.52
CA LEU A 87 15.27 -10.31 5.84
C LEU A 87 16.68 -10.44 5.28
N TYR A 88 17.11 -9.44 4.47
CA TYR A 88 18.48 -9.38 3.96
C TYR A 88 19.14 -8.08 4.42
N ILE A 89 20.37 -8.19 4.94
CA ILE A 89 21.17 -7.03 5.30
C ILE A 89 22.42 -7.06 4.43
N TYR A 90 22.66 -5.96 3.71
CA TYR A 90 23.83 -5.71 2.84
C TYR A 90 24.55 -4.44 3.28
N ASN A 91 25.89 -4.50 3.29
CA ASN A 91 26.69 -3.34 3.66
C ASN A 91 26.96 -2.48 2.40
N SER A 92 27.70 -1.34 2.56
CA SER A 92 28.08 -0.39 1.49
C SER A 92 28.88 -1.08 0.42
N ASP A 93 29.64 -2.11 0.78
CA ASP A 93 30.48 -2.87 -0.14
C ASP A 93 29.69 -3.98 -0.88
N ARG A 94 28.34 -3.93 -0.82
CA ARG A 94 27.39 -4.85 -1.48
C ARG A 94 27.49 -6.29 -0.97
N GLN A 95 28.12 -6.49 0.22
CA GLN A 95 28.31 -7.81 0.82
C GLN A 95 27.16 -8.16 1.77
N LEU A 96 26.70 -9.43 1.70
CA LEU A 96 25.64 -9.97 2.55
C LEU A 96 26.13 -10.14 3.99
N LYS A 97 25.43 -9.51 4.93
CA LYS A 97 25.79 -9.57 6.35
C LYS A 97 24.85 -10.50 7.10
N LEU A 98 23.58 -10.57 6.64
CA LEU A 98 22.52 -11.38 7.26
C LEU A 98 21.45 -11.76 6.22
N LYS A 99 20.94 -13.00 6.31
CA LYS A 99 19.86 -13.55 5.52
C LYS A 99 19.04 -14.42 6.46
N GLN A 100 17.82 -13.98 6.81
CA GLN A 100 16.96 -14.70 7.75
C GLN A 100 15.49 -14.70 7.31
N LEU A 101 14.82 -15.85 7.41
CA LEU A 101 13.39 -15.96 7.15
C LEU A 101 12.57 -15.46 8.36
N MSE A 102 11.67 -14.49 8.13
CA MSE A 102 10.84 -13.86 9.17
C MSE A 102 9.53 -14.64 9.39
O MSE A 102 8.79 -14.38 10.35
CB MSE A 102 10.59 -12.38 8.82
CG MSE A 102 11.82 -11.51 9.02
SE MSE A 102 12.43 -11.51 10.91
CE MSE A 102 13.53 -13.02 11.00
N ARG A 103 9.26 -15.60 8.50
CA ARG A 103 8.12 -16.53 8.45
C ARG A 103 8.52 -17.69 7.55
N THR A 104 7.98 -18.89 7.82
CA THR A 104 8.20 -20.12 7.05
C THR A 104 9.68 -20.59 7.10
N ALA A 105 10.37 -20.32 8.23
CA ALA A 105 11.74 -20.81 8.41
C ALA A 105 11.68 -22.33 8.59
N PRO A 106 12.37 -23.12 7.75
CA PRO A 106 12.26 -24.58 7.89
C PRO A 106 12.67 -25.06 9.28
N ASN A 107 11.91 -26.01 9.83
CA ASN A 107 12.14 -26.72 11.09
C ASN A 107 12.50 -25.76 12.21
N SER A 108 11.65 -24.76 12.42
CA SER A 108 11.87 -23.69 13.38
C SER A 108 10.76 -23.55 14.44
N GLY A 109 9.73 -24.39 14.31
CA GLY A 109 8.56 -24.34 15.17
C GLY A 109 7.43 -23.55 14.52
N PHE A 110 7.69 -22.92 13.36
CA PHE A 110 6.73 -22.10 12.62
C PHE A 110 5.55 -22.97 12.10
N THR A 111 5.86 -24.01 11.29
CA THR A 111 4.90 -24.92 10.68
C THR A 111 4.11 -25.59 11.79
N GLU A 112 4.82 -26.12 12.81
CA GLU A 112 4.27 -26.80 13.99
C GLU A 112 3.21 -25.95 14.69
N MSE A 113 3.61 -24.71 15.07
CA MSE A 113 2.77 -23.75 15.77
C MSE A 113 1.65 -23.19 14.90
O MSE A 113 0.52 -23.07 15.39
CB MSE A 113 3.64 -22.64 16.30
CG MSE A 113 3.33 -22.19 17.73
SE MSE A 113 3.08 -23.52 19.12
CE MSE A 113 4.64 -24.59 18.88
N THR A 114 1.94 -22.86 13.62
CA THR A 114 0.94 -22.29 12.69
C THR A 114 -0.16 -23.33 12.39
N ALA A 115 0.21 -24.62 12.25
CA ALA A 115 -0.71 -25.72 11.99
C ALA A 115 -1.78 -25.80 13.08
N ILE A 116 -1.39 -25.62 14.35
CA ILE A 116 -2.32 -25.63 15.48
C ILE A 116 -3.21 -24.34 15.47
N SER A 117 -2.62 -23.15 15.21
CA SER A 117 -3.30 -21.83 15.16
C SER A 117 -4.42 -21.80 14.16
N HIS A 118 -4.18 -22.45 13.00
CA HIS A 118 -5.01 -22.52 11.83
C HIS A 118 -6.22 -23.46 11.92
N ILE A 119 -6.34 -24.23 13.02
CA ILE A 119 -7.47 -25.15 13.25
C ILE A 119 -8.77 -24.33 13.37
N GLY A 120 -8.71 -23.18 14.07
CA GLY A 120 -9.83 -22.26 14.23
C GLY A 120 -10.32 -21.75 12.87
N PRO A 121 -9.46 -21.04 12.08
CA PRO A 121 -9.88 -20.57 10.73
C PRO A 121 -10.35 -21.70 9.81
N ALA A 122 -9.69 -22.88 9.87
CA ALA A 122 -10.08 -24.07 9.08
C ALA A 122 -11.54 -24.45 9.36
N LEU A 123 -11.91 -24.53 10.67
CA LEU A 123 -13.26 -24.88 11.09
C LEU A 123 -14.27 -23.81 10.67
N MSE A 124 -13.86 -22.52 10.75
CA MSE A 124 -14.69 -21.36 10.31
C MSE A 124 -15.03 -21.49 8.82
O MSE A 124 -16.19 -21.34 8.42
CB MSE A 124 -13.97 -20.03 10.59
CG MSE A 124 -13.90 -19.67 12.04
SE MSE A 124 -12.63 -18.18 12.28
CE MSE A 124 -11.86 -18.71 14.01
N TYR A 125 -14.00 -21.82 8.01
CA TYR A 125 -14.10 -22.03 6.57
C TYR A 125 -15.02 -23.18 6.26
N LEU A 126 -14.94 -24.28 7.04
CA LEU A 126 -15.78 -25.47 6.88
C LEU A 126 -17.26 -25.14 7.12
N ALA A 127 -17.55 -24.26 8.11
CA ALA A 127 -18.90 -23.78 8.43
C ALA A 127 -19.49 -23.01 7.24
N LYS A 128 -18.66 -22.17 6.56
CA LYS A 128 -19.08 -21.41 5.36
C LYS A 128 -19.32 -22.37 4.17
N ILE A 129 -18.41 -23.37 3.95
CA ILE A 129 -18.54 -24.38 2.91
C ILE A 129 -19.90 -25.09 3.09
N LYS A 130 -20.26 -25.41 4.35
CA LYS A 130 -21.53 -26.09 4.68
C LYS A 130 -22.71 -25.17 4.30
N GLU A 131 -22.67 -23.88 4.73
CA GLU A 131 -23.70 -22.86 4.45
C GLU A 131 -23.97 -22.74 2.93
N ASN A 132 -22.90 -22.77 2.11
CA ASN A 132 -22.95 -22.70 0.65
C ASN A 132 -23.45 -24.01 0.01
N GLY A 133 -23.82 -24.99 0.84
CA GLY A 133 -24.35 -26.27 0.39
C GLY A 133 -23.34 -27.18 -0.31
N ASP A 134 -22.05 -27.09 0.08
CA ASP A 134 -21.01 -27.94 -0.50
C ASP A 134 -20.70 -29.04 0.52
N ALA A 135 -21.03 -30.27 0.16
CA ALA A 135 -20.88 -31.49 0.96
C ALA A 135 -19.41 -31.85 1.23
N SER A 136 -18.45 -31.23 0.50
CA SER A 136 -17.01 -31.49 0.67
C SER A 136 -16.51 -31.08 2.06
N TRP A 137 -17.34 -30.38 2.86
CA TRP A 137 -16.97 -29.97 4.21
C TRP A 137 -16.80 -31.20 5.13
N LYS A 138 -17.59 -32.26 4.87
CA LYS A 138 -17.60 -33.52 5.63
C LYS A 138 -16.34 -34.30 5.39
N SER A 139 -15.91 -34.40 4.12
CA SER A 139 -14.68 -35.13 3.77
C SER A 139 -13.45 -34.35 4.20
N GLN A 140 -13.48 -33.01 4.11
CA GLN A 140 -12.37 -32.14 4.54
C GLN A 140 -12.23 -32.20 6.06
N MSE A 141 -13.38 -32.22 6.81
CA MSE A 141 -13.35 -32.31 8.27
C MSE A 141 -12.83 -33.68 8.72
O MSE A 141 -12.04 -33.73 9.66
CB MSE A 141 -14.71 -32.02 8.90
CG MSE A 141 -14.57 -31.70 10.38
SE MSE A 141 -16.23 -31.56 11.34
CE MSE A 141 -16.51 -29.73 11.15
N GLU A 142 -13.27 -34.77 8.06
CA GLU A 142 -12.83 -36.13 8.38
C GLU A 142 -11.27 -36.19 8.32
N ASN A 143 -10.69 -35.62 7.25
CA ASN A 143 -9.26 -35.60 7.02
C ASN A 143 -8.57 -34.70 8.02
N LEU A 144 -9.15 -33.51 8.30
CA LEU A 144 -8.65 -32.57 9.30
C LEU A 144 -8.57 -33.27 10.67
N LEU A 145 -9.64 -34.00 11.07
CA LEU A 145 -9.70 -34.75 12.33
C LEU A 145 -8.61 -35.85 12.35
N LYS A 146 -8.47 -36.60 11.26
CA LYS A 146 -7.44 -37.63 11.11
C LYS A 146 -6.03 -37.04 11.35
N ASP A 147 -5.74 -35.90 10.70
CA ASP A 147 -4.42 -35.27 10.78
C ASP A 147 -4.14 -34.65 12.17
N ILE A 148 -5.20 -34.21 12.91
CA ILE A 148 -5.08 -33.70 14.28
C ILE A 148 -4.75 -34.85 15.26
N GLN A 149 -5.29 -36.05 14.98
CA GLN A 149 -5.03 -37.24 15.78
C GLN A 149 -3.57 -37.66 15.62
N ALA A 150 -3.05 -37.62 14.39
CA ALA A 150 -1.63 -37.92 14.09
C ALA A 150 -0.71 -36.94 14.83
N VAL A 151 -1.06 -35.62 14.84
CA VAL A 151 -0.28 -34.59 15.54
C VAL A 151 -0.28 -34.82 17.04
N LYS A 152 -1.47 -35.14 17.64
CA LYS A 152 -1.59 -35.42 19.08
C LYS A 152 -0.60 -36.51 19.48
N VAL A 153 -0.51 -37.59 18.67
CA VAL A 153 0.34 -38.72 18.95
C VAL A 153 1.83 -38.29 18.87
N ILE A 154 2.25 -37.61 17.78
CA ILE A 154 3.65 -37.21 17.59
C ILE A 154 4.09 -36.21 18.70
N ASN A 155 3.16 -35.31 19.15
CA ASN A 155 3.38 -34.33 20.21
C ASN A 155 3.56 -35.04 21.56
N ALA A 156 2.97 -36.25 21.71
CA ALA A 156 3.08 -37.04 22.94
C ALA A 156 4.34 -37.92 22.97
N GLN A 157 5.11 -37.98 21.86
CA GLN A 157 6.29 -38.85 21.78
C GLN A 157 7.36 -38.48 22.80
N THR A 158 7.89 -39.51 23.43
CA THR A 158 8.95 -39.42 24.42
C THR A 158 9.78 -40.71 24.33
N PRO A 159 11.14 -40.62 24.33
CA PRO A 159 11.97 -39.40 24.42
C PRO A 159 12.14 -38.81 23.02
N ASN A 160 12.99 -37.76 22.89
CA ASN A 160 13.26 -37.06 21.64
C ASN A 160 11.99 -36.35 21.12
N ASN A 161 11.20 -35.73 22.03
CA ASN A 161 10.03 -34.96 21.61
C ASN A 161 10.47 -33.83 20.69
N TRP A 162 9.65 -33.50 19.67
CA TRP A 162 9.98 -32.48 18.69
C TRP A 162 10.33 -31.13 19.37
N LEU A 163 9.61 -30.78 20.46
CA LEU A 163 9.76 -29.56 21.26
C LEU A 163 11.13 -29.47 21.97
N GLU A 164 11.73 -30.62 22.30
CA GLU A 164 13.07 -30.72 22.92
C GLU A 164 14.17 -30.64 21.86
N GLN A 165 13.83 -30.82 20.58
CA GLN A 165 14.80 -30.84 19.49
C GLN A 165 14.86 -29.55 18.69
N VAL A 166 13.71 -28.89 18.49
CA VAL A 166 13.63 -27.62 17.76
C VAL A 166 14.52 -26.57 18.45
N ASN A 167 15.26 -25.77 17.67
CA ASN A 167 16.07 -24.68 18.21
C ASN A 167 15.14 -23.49 18.46
N ALA A 168 14.53 -23.47 19.68
CA ALA A 168 13.61 -22.41 20.10
C ALA A 168 13.93 -22.01 21.55
N PRO A 169 15.13 -21.42 21.81
CA PRO A 169 15.51 -21.11 23.21
C PRO A 169 14.53 -20.20 23.97
N ALA A 170 13.82 -19.29 23.28
CA ALA A 170 12.80 -18.40 23.89
C ALA A 170 11.60 -19.16 24.53
N TRP A 171 11.36 -20.40 24.07
CA TRP A 171 10.26 -21.27 24.54
C TRP A 171 10.69 -22.11 25.73
N LYS A 172 12.02 -22.35 25.90
CA LYS A 172 12.58 -23.16 26.98
C LYS A 172 11.88 -22.92 28.34
N PRO A 173 11.63 -21.67 28.84
CA PRO A 173 10.94 -21.54 30.15
C PRO A 173 9.53 -22.15 30.23
N HIS A 174 8.85 -22.39 29.09
CA HIS A 174 7.47 -22.85 29.06
C HIS A 174 7.22 -24.18 28.31
N LEU A 175 8.27 -24.94 28.03
CA LEU A 175 8.18 -26.20 27.27
C LEU A 175 7.07 -27.15 27.74
N THR A 176 6.92 -27.35 29.07
CA THR A 176 5.91 -28.25 29.65
C THR A 176 4.51 -27.74 29.30
N THR A 177 4.26 -26.43 29.54
CA THR A 177 3.00 -25.73 29.23
C THR A 177 2.66 -25.83 27.74
N ILE A 178 3.65 -25.55 26.84
CA ILE A 178 3.50 -25.65 25.37
C ILE A 178 3.04 -27.06 24.99
N HIS A 179 3.69 -28.10 25.57
CA HIS A 179 3.35 -29.49 25.31
C HIS A 179 1.89 -29.79 25.67
N ASN A 180 1.48 -29.44 26.90
CA ASN A 180 0.13 -29.68 27.42
C ASN A 180 -0.92 -28.96 26.61
N MSE A 181 -0.57 -27.76 26.13
CA MSE A 181 -1.44 -26.93 25.33
C MSE A 181 -1.73 -27.58 23.95
O MSE A 181 -2.89 -27.60 23.55
CB MSE A 181 -0.86 -25.53 25.16
CG MSE A 181 -1.81 -24.63 24.46
SE MSE A 181 -0.92 -23.46 23.27
CE MSE A 181 -0.50 -24.80 21.94
N ILE A 182 -0.68 -28.11 23.26
CA ILE A 182 -0.89 -28.75 21.95
C ILE A 182 -1.72 -30.03 22.16
N ASP A 183 -1.44 -30.76 23.26
CA ASP A 183 -2.20 -31.95 23.63
C ASP A 183 -3.68 -31.59 23.85
N TYR A 184 -3.94 -30.56 24.67
CA TYR A 184 -5.27 -30.00 24.98
C TYR A 184 -6.00 -29.56 23.70
N ALA A 185 -5.28 -28.83 22.81
CA ALA A 185 -5.78 -28.30 21.55
C ALA A 185 -6.22 -29.43 20.64
N CYS A 186 -5.38 -30.47 20.46
CA CYS A 186 -5.70 -31.63 19.63
C CYS A 186 -6.92 -32.37 20.17
N SER A 187 -6.93 -32.59 21.49
CA SER A 187 -8.02 -33.28 22.18
C SER A 187 -9.35 -32.51 22.03
N MSE A 188 -9.33 -31.18 22.24
CA MSE A 188 -10.50 -30.32 22.13
C MSE A 188 -11.05 -30.32 20.70
O MSE A 188 -12.20 -30.70 20.50
CB MSE A 188 -10.14 -28.91 22.59
CG MSE A 188 -11.28 -27.94 22.48
SE MSE A 188 -10.79 -26.26 23.29
CE MSE A 188 -12.56 -25.53 23.57
N ALA A 189 -10.23 -29.90 19.72
CA ALA A 189 -10.58 -29.83 18.29
C ALA A 189 -10.97 -31.18 17.71
N GLY A 190 -10.22 -32.22 18.06
CA GLY A 190 -10.47 -33.59 17.62
C GLY A 190 -11.83 -34.10 18.06
N ASN A 191 -12.10 -34.04 19.36
CA ASN A 191 -13.38 -34.50 19.89
C ASN A 191 -14.54 -33.59 19.49
N TYR A 192 -14.27 -32.30 19.19
CA TYR A 192 -15.32 -31.40 18.71
C TYR A 192 -15.75 -31.86 17.31
N MSE A 193 -14.76 -32.07 16.40
CA MSE A 193 -15.01 -32.53 15.02
C MSE A 193 -15.73 -33.87 15.01
O MSE A 193 -16.67 -34.05 14.24
CB MSE A 193 -13.74 -32.60 14.23
CG MSE A 193 -13.19 -31.25 13.89
SE MSE A 193 -11.51 -31.37 12.95
CE MSE A 193 -10.80 -29.74 13.65
N SER A 194 -15.32 -34.76 15.92
CA SER A 194 -15.92 -36.08 16.07
C SER A 194 -17.42 -35.96 16.37
N ASP A 195 -17.78 -35.05 17.30
CA ASP A 195 -19.14 -34.77 17.77
C ASP A 195 -20.00 -34.20 16.64
N VAL A 196 -19.40 -33.40 15.76
CA VAL A 196 -20.09 -32.79 14.61
C VAL A 196 -20.43 -33.89 13.57
N LEU A 197 -19.41 -34.72 13.23
CA LEU A 197 -19.54 -35.80 12.25
C LEU A 197 -20.42 -36.95 12.78
N ASN A 198 -20.51 -37.09 14.13
CA ASN A 198 -21.36 -38.11 14.76
C ASN A 198 -22.74 -37.51 15.08
N GLU A 199 -22.97 -36.25 14.66
CA GLU A 199 -24.23 -35.48 14.80
C GLU A 199 -24.68 -35.32 16.27
N LYS A 200 -23.72 -35.31 17.23
CA LYS A 200 -23.98 -35.06 18.65
C LYS A 200 -24.16 -33.55 18.85
N LEU A 201 -23.56 -32.74 17.95
CA LEU A 201 -23.61 -31.28 17.88
C LEU A 201 -24.01 -30.81 16.50
N SER A 202 -24.50 -29.55 16.40
CA SER A 202 -24.85 -28.94 15.12
C SER A 202 -23.62 -28.23 14.58
N PHE A 203 -23.53 -28.04 13.26
CA PHE A 203 -22.38 -27.33 12.77
C PHE A 203 -22.82 -26.15 11.92
N ASP A 204 -22.45 -24.93 12.34
CA ASP A 204 -22.70 -23.65 11.68
C ASP A 204 -21.84 -22.57 12.35
N MSE A 205 -21.77 -21.34 11.78
CA MSE A 205 -20.98 -20.23 12.30
C MSE A 205 -21.21 -20.02 13.80
O MSE A 205 -20.25 -19.99 14.58
CB MSE A 205 -21.30 -18.91 11.55
CG MSE A 205 -20.93 -18.88 10.07
SE MSE A 205 -19.03 -18.83 9.73
CE MSE A 205 -19.13 -17.96 8.04
N ALA A 206 -22.49 -19.95 14.21
CA ALA A 206 -22.96 -19.71 15.56
C ALA A 206 -22.59 -20.85 16.52
N SER A 207 -22.86 -22.11 16.11
CA SER A 207 -22.58 -23.31 16.88
C SER A 207 -21.08 -23.46 17.10
N LEU A 208 -20.28 -23.21 16.04
CA LEU A 208 -18.81 -23.29 16.12
C LEU A 208 -18.26 -22.34 17.20
N GLN A 209 -18.78 -21.09 17.23
CA GLN A 209 -18.36 -20.12 18.21
C GLN A 209 -18.69 -20.57 19.63
N ASN A 210 -19.95 -20.95 19.87
CA ASN A 210 -20.42 -21.33 21.19
C ASN A 210 -19.86 -22.68 21.68
N ASP A 211 -19.84 -23.73 20.80
CA ASP A 211 -19.45 -25.09 21.18
C ASP A 211 -17.95 -25.33 21.23
N PHE A 212 -17.17 -24.54 20.48
CA PHE A 212 -15.73 -24.79 20.37
C PHE A 212 -14.84 -23.55 20.67
N LEU A 213 -14.95 -22.48 19.87
CA LEU A 213 -14.09 -21.30 20.03
C LEU A 213 -14.16 -20.70 21.45
N ASN A 214 -15.35 -20.64 22.05
CA ASN A 214 -15.57 -20.07 23.39
C ASN A 214 -15.31 -21.07 24.53
N GLY A 215 -15.18 -22.33 24.17
CA GLY A 215 -14.98 -23.40 25.13
C GLY A 215 -16.29 -24.12 25.38
N ASN A 216 -16.18 -25.24 26.10
CA ASN A 216 -17.31 -26.09 26.45
C ASN A 216 -17.02 -26.75 27.82
N LYS A 217 -18.01 -27.46 28.39
CA LYS A 217 -17.93 -28.11 29.71
C LYS A 217 -16.71 -29.03 29.84
N THR A 218 -16.40 -29.85 28.81
CA THR A 218 -15.25 -30.77 28.83
C THR A 218 -13.92 -30.02 28.65
N TYR A 219 -13.90 -29.01 27.77
CA TYR A 219 -12.70 -28.23 27.46
C TYR A 219 -12.96 -26.75 27.83
N PRO A 220 -12.84 -26.39 29.13
CA PRO A 220 -13.21 -25.02 29.57
C PRO A 220 -12.33 -23.88 29.07
N ILE A 221 -11.05 -24.12 28.72
CA ILE A 221 -10.19 -23.08 28.15
C ILE A 221 -10.65 -22.88 26.70
N PRO A 222 -11.13 -21.69 26.32
CA PRO A 222 -11.56 -21.50 24.91
C PRO A 222 -10.45 -21.83 23.91
N TYR A 223 -10.82 -22.28 22.69
CA TYR A 223 -9.82 -22.48 21.63
C TYR A 223 -9.25 -21.12 21.21
N ASN A 224 -10.03 -20.03 21.45
CA ASN A 224 -9.63 -18.64 21.25
C ASN A 224 -8.28 -18.38 21.96
N ASN A 225 -8.11 -18.91 23.21
CA ASN A 225 -6.87 -18.77 23.99
C ASN A 225 -5.70 -19.56 23.34
N VAL A 226 -5.99 -20.73 22.76
CA VAL A 226 -4.99 -21.55 22.07
C VAL A 226 -4.51 -20.74 20.85
N MSE A 227 -5.44 -20.08 20.13
CA MSE A 227 -5.08 -19.27 18.96
C MSE A 227 -4.15 -18.14 19.33
O MSE A 227 -3.17 -17.95 18.63
CB MSE A 227 -6.31 -18.76 18.25
CG MSE A 227 -6.94 -19.84 17.41
SE MSE A 227 -8.30 -19.19 16.26
CE MSE A 227 -9.79 -18.92 17.59
N ILE A 228 -4.41 -17.43 20.46
CA ILE A 228 -3.55 -16.33 20.90
C ILE A 228 -2.18 -16.88 21.36
N GLY A 229 -2.20 -17.93 22.19
CA GLY A 229 -0.99 -18.56 22.72
C GLY A 229 -0.02 -19.00 21.64
N THR A 230 -0.54 -19.70 20.62
CA THR A 230 0.23 -20.21 19.48
C THR A 230 0.77 -19.07 18.64
N PHE A 231 -0.05 -18.03 18.35
CA PHE A 231 0.38 -16.86 17.58
C PHE A 231 1.53 -16.14 18.31
N MSE A 232 1.39 -15.99 19.65
CA MSE A 232 2.38 -15.41 20.54
C MSE A 232 3.72 -16.13 20.45
O MSE A 232 4.77 -15.49 20.44
CB MSE A 232 1.89 -15.45 22.00
CG MSE A 232 0.90 -14.39 22.35
SE MSE A 232 1.62 -12.59 22.42
CE MSE A 232 0.02 -11.58 22.89
N LEU A 233 3.70 -17.48 20.41
CA LEU A 233 4.94 -18.26 20.41
C LEU A 233 5.64 -18.16 19.09
N THR A 234 4.86 -18.04 18.02
CA THR A 234 5.33 -17.89 16.65
C THR A 234 6.04 -16.55 16.54
N ALA A 235 5.41 -15.44 17.04
CA ALA A 235 6.00 -14.08 17.03
C ALA A 235 7.30 -14.07 17.83
N LEU A 236 7.27 -14.64 19.05
CA LEU A 236 8.40 -14.74 19.95
C LEU A 236 9.56 -15.49 19.30
N GLN A 237 9.31 -16.62 18.63
CA GLN A 237 10.36 -17.43 18.02
C GLN A 237 11.02 -16.69 16.87
N SER A 238 10.22 -16.14 15.97
CA SER A 238 10.62 -15.40 14.79
C SER A 238 11.47 -14.17 15.17
N MSE A 239 11.00 -13.39 16.16
CA MSE A 239 11.70 -12.19 16.62
C MSE A 239 12.97 -12.53 17.41
O MSE A 239 13.98 -11.84 17.25
CB MSE A 239 10.77 -11.31 17.44
CG MSE A 239 9.65 -10.67 16.61
SE MSE A 239 8.49 -9.56 17.72
CE MSE A 239 6.82 -9.72 16.76
N ASP A 240 12.94 -13.59 18.25
CA ASP A 240 14.10 -14.00 19.02
C ASP A 240 15.22 -14.50 18.10
N GLN A 241 14.87 -15.30 17.07
CA GLN A 241 15.86 -15.83 16.13
C GLN A 241 16.58 -14.69 15.38
N LEU A 242 15.84 -13.67 14.97
CA LEU A 242 16.41 -12.52 14.32
C LEU A 242 17.29 -11.70 15.29
N HIS A 243 16.80 -11.42 16.51
CA HIS A 243 17.57 -10.65 17.46
C HIS A 243 18.92 -11.36 17.71
N SER A 244 18.93 -12.70 17.89
CA SER A 244 20.15 -13.45 18.13
C SER A 244 21.18 -13.23 16.99
N LYS A 245 20.69 -13.25 15.72
CA LYS A 245 21.50 -13.08 14.52
C LYS A 245 21.95 -11.63 14.32
N ILE A 246 21.03 -10.63 14.38
CA ILE A 246 21.30 -9.20 14.17
C ILE A 246 22.19 -8.58 15.28
N SER A 247 22.08 -9.10 16.51
CA SER A 247 22.87 -8.66 17.65
C SER A 247 24.36 -8.82 17.41
N GLN A 248 24.76 -9.88 16.70
CA GLN A 248 26.15 -10.17 16.38
C GLN A 248 26.74 -9.22 15.28
N LEU A 249 25.89 -8.37 14.67
CA LEU A 249 26.29 -7.43 13.61
C LEU A 249 26.52 -6.04 14.14
N LYS A 250 27.41 -5.30 13.47
CA LYS A 250 27.66 -3.91 13.80
C LYS A 250 26.78 -3.04 12.90
N ILE A 251 25.57 -2.67 13.35
CA ILE A 251 24.69 -1.84 12.53
C ILE A 251 24.69 -0.39 13.03
N ASP A 252 24.93 0.54 12.12
CA ASP A 252 24.89 1.98 12.39
C ASP A 252 23.47 2.43 12.11
N TRP A 253 22.58 2.20 13.10
CA TRP A 253 21.14 2.44 13.01
C TRP A 253 20.75 3.85 12.55
N PRO A 254 21.34 4.98 13.01
CA PRO A 254 20.88 6.29 12.49
C PRO A 254 21.01 6.46 10.96
N HIS A 255 21.89 5.65 10.31
CA HIS A 255 22.14 5.72 8.87
C HIS A 255 21.63 4.52 8.09
N ALA A 256 20.92 3.60 8.76
CA ALA A 256 20.31 2.42 8.14
C ALA A 256 19.23 2.83 7.12
N LYS A 257 19.05 2.02 6.08
CA LYS A 257 18.10 2.24 5.02
C LYS A 257 17.17 1.02 5.00
N VAL A 258 15.92 1.16 5.51
CA VAL A 258 14.98 0.03 5.64
C VAL A 258 13.93 0.07 4.54
N ILE A 259 13.82 -1.07 3.81
CA ILE A 259 12.86 -1.33 2.73
C ILE A 259 12.00 -2.51 3.16
N ILE A 260 10.68 -2.30 3.18
CA ILE A 260 9.71 -3.34 3.52
C ILE A 260 8.84 -3.64 2.28
N ARG A 261 8.98 -4.86 1.75
CA ARG A 261 8.23 -5.45 0.64
C ARG A 261 7.91 -6.88 1.09
N PHE A 262 7.40 -6.98 2.32
CA PHE A 262 7.07 -8.22 3.01
C PHE A 262 5.66 -8.71 2.67
N VAL A 263 5.58 -9.98 2.23
CA VAL A 263 4.34 -10.64 1.82
C VAL A 263 4.05 -11.83 2.74
N ALA A 264 2.90 -11.75 3.44
CA ALA A 264 2.42 -12.80 4.34
C ALA A 264 1.68 -13.88 3.51
N GLY A 265 2.47 -14.75 2.88
CA GLY A 265 1.98 -15.84 2.03
C GLY A 265 1.11 -15.40 0.89
N SER A 266 -0.16 -15.84 0.91
CA SER A 266 -1.16 -15.49 -0.11
C SER A 266 -1.94 -14.19 0.24
N ASN A 267 -1.65 -13.56 1.39
CA ASN A 267 -2.35 -12.32 1.78
C ASN A 267 -1.71 -11.15 1.02
N VAL A 268 -2.18 -10.98 -0.21
CA VAL A 268 -1.70 -10.02 -1.22
C VAL A 268 -2.14 -8.57 -0.97
N SER A 269 -2.92 -8.32 0.09
CA SER A 269 -3.43 -6.98 0.42
C SER A 269 -2.99 -6.46 1.79
N ALA A 270 -2.23 -7.27 2.56
CA ALA A 270 -1.90 -6.93 3.95
C ALA A 270 -0.48 -6.42 4.16
N GLY A 271 -0.28 -5.70 5.27
CA GLY A 271 0.99 -5.13 5.70
C GLY A 271 1.64 -4.20 4.72
N VAL A 272 0.83 -3.40 4.00
CA VAL A 272 1.29 -2.47 2.98
C VAL A 272 1.31 -1.03 3.54
N SER A 273 0.96 -0.86 4.84
CA SER A 273 1.05 0.44 5.54
C SER A 273 1.61 0.20 6.94
N LYS A 274 2.40 1.15 7.46
CA LYS A 274 3.12 1.05 8.72
C LYS A 274 2.25 0.63 9.92
N GLY A 275 1.01 1.14 10.02
CA GLY A 275 0.11 0.77 11.11
C GLY A 275 -0.45 -0.65 11.02
N SER A 276 -0.29 -1.31 9.86
CA SER A 276 -0.75 -2.67 9.60
C SER A 276 0.42 -3.65 9.35
N ASN A 277 1.67 -3.26 9.76
CA ASN A 277 2.87 -4.06 9.62
C ASN A 277 3.73 -3.93 10.88
N TRP A 278 3.74 -5.00 11.71
CA TRP A 278 4.47 -5.02 12.97
C TRP A 278 5.97 -5.04 12.78
N LEU A 279 6.45 -5.17 11.51
CA LEU A 279 7.90 -5.11 11.24
C LEU A 279 8.43 -3.73 11.53
N VAL A 280 7.57 -2.70 11.37
CA VAL A 280 7.92 -1.31 11.57
C VAL A 280 8.27 -1.09 13.08
N PRO A 281 7.37 -1.31 14.07
CA PRO A 281 7.79 -1.17 15.48
C PRO A 281 8.91 -2.16 15.87
N PHE A 282 8.91 -3.40 15.30
CA PHE A 282 9.93 -4.41 15.57
C PHE A 282 11.35 -3.87 15.20
N VAL A 283 11.49 -3.28 13.99
CA VAL A 283 12.76 -2.70 13.55
C VAL A 283 13.16 -1.53 14.50
N GLN A 284 12.19 -0.69 14.91
CA GLN A 284 12.43 0.43 15.84
C GLN A 284 12.99 -0.10 17.16
N ALA A 285 12.43 -1.24 17.65
CA ALA A 285 12.86 -1.91 18.87
C ALA A 285 14.32 -2.40 18.73
N LEU A 286 14.65 -3.05 17.61
CA LEU A 286 15.99 -3.53 17.29
C LEU A 286 17.01 -2.39 17.32
N SER A 287 16.63 -1.23 16.76
CA SER A 287 17.46 -0.04 16.67
C SER A 287 17.59 0.69 17.98
N ASN A 288 16.80 0.27 19.02
CA ASN A 288 16.69 0.91 20.33
C ASN A 288 16.30 2.38 20.11
N ASN A 289 15.31 2.57 19.22
CA ASN A 289 14.72 3.83 18.79
C ASN A 289 15.76 4.85 18.29
N LYS A 290 16.93 4.36 17.82
CA LYS A 290 17.99 5.21 17.26
C LYS A 290 17.80 5.40 15.73
N LEU A 291 16.88 4.63 15.12
CA LEU A 291 16.54 4.74 13.70
C LEU A 291 15.27 5.53 13.51
N ALA A 292 15.36 6.63 12.74
CA ALA A 292 14.25 7.53 12.40
C ALA A 292 13.25 6.77 11.56
N THR A 293 11.98 6.91 11.90
CA THR A 293 10.88 6.20 11.24
C THR A 293 10.75 6.62 9.75
N ASP A 294 11.17 7.84 9.39
CA ASP A 294 11.09 8.31 7.99
C ASP A 294 12.14 7.61 7.09
N ARG A 295 13.06 6.82 7.68
CA ARG A 295 14.10 6.08 6.97
C ARG A 295 13.62 4.65 6.64
N ILE A 296 12.34 4.33 7.02
CA ILE A 296 11.64 3.08 6.81
C ILE A 296 10.58 3.26 5.73
N TYR A 297 10.77 2.62 4.56
CA TYR A 297 9.82 2.76 3.46
C TYR A 297 9.20 1.44 3.10
N ILE A 298 7.85 1.41 3.00
CA ILE A 298 7.11 0.24 2.58
C ILE A 298 6.94 0.43 1.08
N THR A 299 7.66 -0.38 0.28
CA THR A 299 7.67 -0.27 -1.16
C THR A 299 7.10 -1.56 -1.79
N PRO A 300 5.75 -1.74 -1.82
CA PRO A 300 5.19 -3.01 -2.32
C PRO A 300 5.46 -3.30 -3.81
N TYR A 301 5.81 -2.28 -4.59
CA TYR A 301 6.05 -2.49 -6.00
C TYR A 301 7.54 -2.55 -6.35
N ALA A 302 8.41 -2.60 -5.33
CA ALA A 302 9.82 -2.76 -5.59
C ALA A 302 10.05 -4.14 -6.20
N ALA A 303 10.93 -4.21 -7.21
CA ALA A 303 11.29 -5.46 -7.86
C ALA A 303 12.11 -6.36 -6.93
N VAL A 304 12.00 -7.68 -7.13
CA VAL A 304 12.81 -8.71 -6.48
C VAL A 304 13.95 -8.98 -7.50
N LYS A 305 15.11 -8.37 -7.26
CA LYS A 305 16.25 -8.42 -8.18
C LYS A 305 16.98 -9.82 -8.20
N PRO A 306 17.65 -10.18 -9.34
CA PRO A 306 18.23 -11.53 -9.43
C PRO A 306 19.31 -11.87 -8.43
N SER A 307 20.24 -10.92 -8.12
CA SER A 307 21.32 -11.19 -7.16
C SER A 307 20.89 -11.02 -5.67
N LEU A 308 19.59 -10.90 -5.39
CA LEU A 308 19.08 -10.80 -4.02
C LEU A 308 19.28 -12.14 -3.34
N GLY A 309 20.00 -12.13 -2.21
CA GLY A 309 20.28 -13.36 -1.48
C GLY A 309 21.67 -13.89 -1.71
N ALA A 310 22.35 -13.43 -2.78
CA ALA A 310 23.73 -13.81 -3.10
C ALA A 310 24.69 -13.17 -2.08
N GLN A 311 25.93 -13.70 -1.98
CA GLN A 311 26.93 -13.17 -1.06
C GLN A 311 27.24 -11.71 -1.43
N GLU A 312 27.19 -11.41 -2.74
CA GLU A 312 27.41 -10.08 -3.26
C GLU A 312 26.26 -9.67 -4.17
N LEU A 313 25.68 -8.49 -3.89
CA LEU A 313 24.63 -7.88 -4.72
C LEU A 313 25.35 -7.26 -5.93
N THR A 314 24.79 -7.36 -7.14
CA THR A 314 25.47 -6.73 -8.30
C THR A 314 25.40 -5.21 -8.13
N GLN A 315 26.29 -4.46 -8.78
CA GLN A 315 26.26 -3.01 -8.64
C GLN A 315 24.90 -2.46 -9.13
N ALA A 316 24.35 -3.03 -10.22
CA ALA A 316 23.03 -2.68 -10.76
C ALA A 316 21.91 -2.94 -9.73
N ASP A 317 21.90 -4.13 -9.10
CA ASP A 317 20.90 -4.51 -8.11
C ASP A 317 21.05 -3.69 -6.83
N TYR A 318 22.31 -3.40 -6.42
CA TYR A 318 22.56 -2.58 -5.25
C TYR A 318 22.05 -1.14 -5.50
N ASN A 319 22.43 -0.54 -6.65
CA ASN A 319 22.00 0.82 -7.01
C ASN A 319 20.49 0.89 -7.10
N TYR A 320 19.84 -0.23 -7.49
CA TYR A 320 18.39 -0.31 -7.58
C TYR A 320 17.75 -0.11 -6.19
N TYR A 321 18.12 -0.91 -5.21
CA TYR A 321 17.52 -0.83 -3.88
C TYR A 321 17.93 0.43 -3.12
N ASN A 322 19.21 0.76 -3.17
CA ASN A 322 19.81 1.87 -2.45
C ASN A 322 19.37 3.23 -3.01
N ASN A 323 19.45 3.43 -4.35
CA ASN A 323 19.16 4.72 -4.99
C ASN A 323 17.77 4.78 -5.64
N THR A 324 17.42 3.82 -6.51
CA THR A 324 16.15 3.83 -7.24
C THR A 324 14.99 3.67 -6.30
N VAL A 325 15.12 2.78 -5.30
CA VAL A 325 14.03 2.55 -4.36
C VAL A 325 14.17 3.50 -3.16
N TRP A 326 15.09 3.22 -2.23
CA TRP A 326 15.25 3.98 -0.99
C TRP A 326 15.56 5.47 -1.22
N GLY A 327 16.61 5.75 -2.01
CA GLY A 327 17.12 7.09 -2.31
C GLY A 327 16.10 8.07 -2.85
N ALA A 328 15.31 7.65 -3.84
CA ALA A 328 14.27 8.47 -4.48
C ALA A 328 13.19 8.90 -3.47
N ARG A 329 12.72 7.95 -2.58
CA ARG A 329 11.70 8.27 -1.57
C ARG A 329 12.25 9.28 -0.59
N HIS A 330 13.51 9.09 -0.18
CA HIS A 330 14.16 10.01 0.74
C HIS A 330 14.45 11.39 0.13
N ASN A 331 14.85 11.41 -1.16
CA ASN A 331 15.17 12.65 -1.87
C ASN A 331 13.93 13.52 -2.07
N ARG A 332 12.77 12.89 -2.34
CA ARG A 332 11.48 13.60 -2.48
C ARG A 332 11.08 14.31 -1.13
N ARG A 333 11.40 13.73 0.07
CA ARG A 333 11.12 14.40 1.36
C ARG A 333 11.96 15.64 1.47
N ILE A 334 13.24 15.52 1.10
CA ILE A 334 14.21 16.60 1.16
C ILE A 334 13.83 17.71 0.17
N ILE A 335 13.46 17.34 -1.09
CA ILE A 335 13.07 18.32 -2.10
C ILE A 335 11.84 19.08 -1.63
N ALA A 336 10.80 18.38 -1.15
CA ALA A 336 9.59 19.03 -0.67
C ALA A 336 9.86 20.04 0.47
N ASN A 337 10.65 19.63 1.46
CA ASN A 337 10.90 20.47 2.61
C ASN A 337 11.91 21.56 2.33
N GLU A 338 12.94 21.29 1.54
CA GLU A 338 13.93 22.32 1.27
C GLU A 338 13.55 23.26 0.13
N VAL A 339 12.76 22.81 -0.85
CA VAL A 339 12.39 23.65 -2.00
C VAL A 339 10.99 24.31 -1.81
N PHE A 340 9.98 23.59 -1.27
CA PHE A 340 8.64 24.16 -1.12
C PHE A 340 8.44 24.80 0.27
N THR A 341 9.41 25.61 0.71
CA THR A 341 9.40 26.28 2.03
C THR A 341 8.35 27.36 2.13
N ASN A 342 7.70 27.76 1.02
CA ASN A 342 6.68 28.82 1.06
C ASN A 342 5.27 28.22 1.17
N ILE A 343 5.18 26.90 1.20
CA ILE A 343 3.95 26.15 1.29
C ILE A 343 3.89 25.49 2.66
N THR A 344 2.76 25.68 3.37
CA THR A 344 2.49 25.16 4.70
C THR A 344 2.44 23.64 4.65
N SER A 345 3.16 23.01 5.58
CA SER A 345 3.25 21.56 5.70
C SER A 345 2.02 21.00 6.41
N ILE A 346 1.66 19.76 6.06
CA ILE A 346 0.56 18.98 6.60
C ILE A 346 1.13 17.87 7.47
N PHE A 347 0.56 17.65 8.67
CA PHE A 347 0.89 16.54 9.56
C PHE A 347 -0.31 15.64 9.75
N LEU A 348 -0.12 14.36 9.51
CA LEU A 348 -1.15 13.37 9.72
C LEU A 348 -0.70 12.43 10.82
N PRO A 349 -1.54 12.21 11.86
CA PRO A 349 -1.12 11.30 12.95
C PRO A 349 -1.08 9.85 12.50
N ASP A 350 -0.45 9.01 13.29
CA ASP A 350 -0.46 7.58 13.02
C ASP A 350 -1.83 7.04 13.42
N ARG A 351 -2.06 5.73 13.24
CA ARG A 351 -3.33 5.18 13.66
C ARG A 351 -3.43 5.22 15.19
N PRO A 352 -4.66 5.32 15.74
CA PRO A 352 -4.77 5.28 17.20
C PRO A 352 -4.44 3.91 17.79
N ALA A 353 -4.10 3.92 19.08
CA ALA A 353 -3.88 2.69 19.81
C ALA A 353 -5.22 1.89 19.89
N ILE A 354 -5.14 0.59 19.62
CA ILE A 354 -6.31 -0.28 19.65
C ILE A 354 -5.94 -1.55 20.43
N PRO A 355 -6.92 -2.33 20.97
CA PRO A 355 -6.57 -3.58 21.67
C PRO A 355 -5.59 -4.45 20.87
N GLY A 356 -4.58 -5.02 21.56
CA GLY A 356 -3.54 -5.83 20.93
C GLY A 356 -2.25 -5.07 20.69
N ASP A 357 -2.25 -3.74 20.90
CA ASP A 357 -1.04 -2.95 20.83
C ASP A 357 -0.37 -3.01 22.18
N TYR A 358 0.96 -2.89 22.25
CA TYR A 358 1.66 -2.86 23.53
C TYR A 358 1.26 -1.60 24.31
N THR A 359 1.28 -0.44 23.63
CA THR A 359 0.94 0.88 24.19
C THR A 359 -0.52 1.00 24.66
N TYR A 360 -1.42 0.10 24.21
CA TYR A 360 -2.84 0.16 24.53
C TYR A 360 -3.13 -0.18 26.02
N SER A 361 -2.89 -1.42 26.46
CA SER A 361 -3.14 -1.83 27.85
C SER A 361 -1.81 -2.19 28.49
N LYS A 362 -1.46 -1.54 29.64
CA LYS A 362 -0.23 -1.83 30.41
C LYS A 362 -0.34 -3.33 30.83
N PRO A 363 -1.27 -3.79 31.72
CA PRO A 363 -1.46 -5.24 31.85
C PRO A 363 -2.46 -5.68 30.75
N PRO A 364 -2.09 -6.49 29.75
CA PRO A 364 -3.06 -6.83 28.71
C PRO A 364 -4.05 -7.94 29.11
N LYS A 365 -5.29 -7.82 28.60
CA LYS A 365 -6.37 -8.78 28.79
C LYS A 365 -6.41 -9.69 27.56
N ILE A 366 -6.86 -10.95 27.72
CA ILE A 366 -6.94 -11.86 26.58
C ILE A 366 -8.05 -11.35 25.61
N GLU A 367 -9.06 -10.64 26.15
CA GLU A 367 -10.16 -10.06 25.38
C GLU A 367 -9.61 -9.13 24.26
N ASP A 368 -8.53 -8.38 24.58
CA ASP A 368 -7.86 -7.47 23.65
C ASP A 368 -7.35 -8.19 22.40
N PHE A 369 -6.69 -9.33 22.60
CA PHE A 369 -6.10 -10.09 21.51
C PHE A 369 -7.18 -10.78 20.67
N LEU A 370 -8.27 -11.22 21.32
CA LEU A 370 -9.43 -11.80 20.61
C LEU A 370 -10.07 -10.76 19.70
N MSE A 371 -10.21 -9.50 20.19
CA MSE A 371 -10.72 -8.36 19.45
C MSE A 371 -9.81 -8.06 18.25
O MSE A 371 -10.29 -7.85 17.12
CB MSE A 371 -10.83 -7.16 20.37
CG MSE A 371 -11.96 -7.29 21.38
SE MSE A 371 -12.18 -5.62 22.34
CE MSE A 371 -11.24 -5.95 23.81
N ARG A 372 -8.50 -8.13 18.46
CA ARG A 372 -7.51 -7.87 17.43
C ARG A 372 -7.47 -9.02 16.42
N LEU A 373 -7.70 -10.29 16.87
CA LEU A 373 -7.76 -11.45 15.99
C LEU A 373 -8.93 -11.30 15.02
N LYS A 374 -10.14 -10.90 15.52
CA LYS A 374 -11.35 -10.71 14.71
C LYS A 374 -11.08 -9.63 13.63
N PHE A 375 -10.46 -8.50 14.07
CA PHE A 375 -10.12 -7.36 13.25
C PHE A 375 -9.11 -7.77 12.17
N SER A 376 -8.08 -8.50 12.54
CA SER A 376 -7.03 -8.93 11.65
C SER A 376 -7.56 -9.85 10.57
N LEU A 377 -8.49 -10.76 10.94
CA LEU A 377 -9.07 -11.71 9.99
C LEU A 377 -10.09 -11.03 9.06
N ALA A 378 -10.88 -10.06 9.55
CA ALA A 378 -11.89 -9.38 8.72
C ALA A 378 -11.29 -8.39 7.72
N GLU A 379 -10.28 -7.62 8.15
CA GLU A 379 -9.72 -6.54 7.36
C GLU A 379 -8.66 -6.99 6.38
N PRO A 380 -8.83 -6.59 5.08
CA PRO A 380 -7.87 -6.98 4.03
C PRO A 380 -6.46 -6.37 4.21
N THR A 381 -6.36 -5.21 4.88
CA THR A 381 -5.11 -4.49 5.18
C THR A 381 -4.26 -5.21 6.23
N GLU A 382 -4.88 -6.08 7.02
CA GLU A 382 -4.24 -6.80 8.14
C GLU A 382 -3.79 -8.22 7.82
N MSE A 383 -2.76 -8.64 8.53
CA MSE A 383 -2.21 -10.01 8.50
C MSE A 383 -2.60 -10.61 9.81
O MSE A 383 -2.67 -9.86 10.79
CB MSE A 383 -0.66 -10.01 8.36
CG MSE A 383 -0.07 -8.73 7.79
SE MSE A 383 1.84 -8.87 7.52
CE MSE A 383 2.43 -7.94 9.09
N LEU A 384 -2.81 -11.94 9.88
CA LEU A 384 -3.15 -12.55 11.19
C LEU A 384 -2.03 -12.32 12.24
N SER A 385 -0.75 -12.19 11.80
CA SER A 385 0.38 -11.95 12.69
C SER A 385 0.29 -10.59 13.42
N ASN A 386 -0.56 -9.62 12.91
CA ASN A 386 -0.79 -8.31 13.56
C ASN A 386 -1.58 -8.49 14.87
N THR A 387 -2.22 -9.68 15.08
CA THR A 387 -2.99 -9.98 16.30
C THR A 387 -2.09 -9.85 17.53
N VAL A 388 -0.80 -10.26 17.41
CA VAL A 388 0.13 -10.30 18.53
C VAL A 388 1.46 -9.57 18.24
N GLY A 389 1.81 -9.40 16.96
CA GLY A 389 3.05 -8.81 16.49
C GLY A 389 3.42 -7.49 17.14
N PHE A 390 2.45 -6.52 17.16
CA PHE A 390 2.63 -5.21 17.79
C PHE A 390 2.87 -5.35 19.29
N TRP A 391 2.12 -6.25 19.96
CA TRP A 391 2.29 -6.50 21.41
C TRP A 391 3.64 -7.17 21.74
N MSE A 392 3.97 -8.30 21.06
CA MSE A 392 5.20 -9.03 21.33
C MSE A 392 6.45 -8.17 21.01
O MSE A 392 7.43 -8.28 21.74
CB MSE A 392 5.23 -10.39 20.61
CG MSE A 392 6.43 -11.28 21.00
SE MSE A 392 6.63 -11.65 22.92
CE MSE A 392 5.37 -13.13 23.14
N ALA A 393 6.43 -7.29 19.98
CA ALA A 393 7.58 -6.43 19.70
C ALA A 393 7.82 -5.47 20.87
N GLY A 394 6.74 -4.89 21.41
CA GLY A 394 6.78 -3.98 22.54
C GLY A 394 7.22 -4.62 23.84
N GLU A 395 6.67 -5.83 24.13
CA GLU A 395 7.01 -6.59 25.34
C GLU A 395 8.48 -6.96 25.34
N LEU A 396 8.98 -7.48 24.20
CA LEU A 396 10.39 -7.85 24.04
C LEU A 396 11.29 -6.63 24.24
N ALA A 397 10.94 -5.49 23.62
CA ALA A 397 11.66 -4.23 23.73
C ALA A 397 11.73 -3.76 25.19
N GLU A 398 10.59 -3.78 25.92
CA GLU A 398 10.54 -3.40 27.34
C GLU A 398 11.50 -4.25 28.20
N LYS A 399 11.55 -5.57 27.96
CA LYS A 399 12.41 -6.49 28.74
C LYS A 399 13.80 -6.67 28.10
N ASN A 400 14.20 -5.78 27.16
CA ASN A 400 15.47 -5.80 26.43
C ASN A 400 15.76 -7.19 25.85
N TRP A 401 14.73 -7.79 25.25
CA TRP A 401 14.73 -9.07 24.53
C TRP A 401 14.90 -10.29 25.46
N ASN A 402 14.95 -10.06 26.79
CA ASN A 402 15.10 -11.14 27.71
C ASN A 402 13.76 -11.88 27.91
N TYR A 403 13.58 -12.98 27.13
CA TYR A 403 12.39 -13.84 27.13
C TYR A 403 12.12 -14.55 28.51
N ASN A 404 13.08 -14.48 29.45
CA ASN A 404 12.90 -15.07 30.77
C ASN A 404 12.09 -14.11 31.65
N LYS A 405 11.99 -12.84 31.22
CA LYS A 405 11.26 -11.81 31.97
C LYS A 405 9.83 -11.54 31.41
N ILE A 406 9.56 -11.91 30.17
CA ILE A 406 8.31 -11.63 29.47
C ILE A 406 7.14 -12.51 29.94
N SER A 407 5.92 -11.99 29.75
CA SER A 407 4.69 -12.75 29.99
C SER A 407 4.10 -13.07 28.64
N ILE A 408 3.44 -14.23 28.51
CA ILE A 408 2.90 -14.63 27.20
C ILE A 408 1.39 -14.91 27.29
N PRO A 409 0.54 -13.94 26.85
CA PRO A 409 -0.91 -14.17 26.83
C PRO A 409 -1.29 -15.42 26.04
N GLY A 410 -2.13 -16.26 26.63
CA GLY A 410 -2.55 -17.54 26.05
C GLY A 410 -1.65 -18.70 26.44
N ILE A 411 -0.53 -18.42 27.16
CA ILE A 411 0.43 -19.41 27.62
C ILE A 411 0.63 -19.27 29.14
N THR A 412 1.07 -18.10 29.60
CA THR A 412 1.32 -17.86 31.02
C THR A 412 0.17 -17.11 31.69
N THR A 413 -0.70 -16.46 30.88
CA THR A 413 -1.78 -15.64 31.42
C THR A 413 -3.03 -15.71 30.52
N GLY A 414 -4.18 -15.28 31.06
CA GLY A 414 -5.44 -15.23 30.32
C GLY A 414 -6.38 -16.41 30.48
N PHE A 415 -6.13 -17.25 31.48
CA PHE A 415 -6.93 -18.45 31.70
C PHE A 415 -8.26 -18.15 32.37
N PRO A 416 -9.34 -18.92 32.04
CA PRO A 416 -10.63 -18.67 32.72
C PRO A 416 -10.51 -18.75 34.24
N GLU A 417 -11.32 -17.97 34.96
CA GLU A 417 -11.35 -17.93 36.42
C GLU A 417 -11.47 -19.36 36.96
N GLY A 418 -10.52 -19.75 37.79
CA GLY A 418 -10.46 -21.09 38.35
C GLY A 418 -9.43 -22.02 37.74
N ILE A 419 -8.85 -21.61 36.57
CA ILE A 419 -7.83 -22.35 35.81
C ILE A 419 -6.51 -21.55 35.83
N SER A 420 -5.38 -22.26 35.98
CA SER A 420 -4.05 -21.63 36.04
C SER A 420 -3.18 -21.92 34.79
N THR A 421 -3.38 -23.09 34.16
CA THR A 421 -2.63 -23.50 32.95
C THR A 421 -3.44 -24.53 32.17
N TYR A 422 -2.90 -25.02 31.06
CA TYR A 422 -3.52 -26.08 30.26
C TYR A 422 -3.40 -27.44 30.97
N PRO A 423 -4.46 -28.28 30.95
CA PRO A 423 -4.38 -29.61 31.59
C PRO A 423 -3.33 -30.54 30.96
N ASN A 424 -2.81 -31.49 31.75
CA ASN A 424 -1.79 -32.47 31.34
C ASN A 424 -2.40 -33.74 30.72
N ASN A 425 -3.32 -34.42 31.43
CA ASN A 425 -3.93 -35.62 30.87
C ASN A 425 -5.21 -35.23 30.16
N ASN A 426 -5.18 -35.25 28.80
CA ASN A 426 -6.33 -34.83 28.00
C ASN A 426 -6.96 -36.02 27.30
N PRO A 427 -8.32 -36.04 27.24
CA PRO A 427 -9.01 -37.20 26.65
C PRO A 427 -8.52 -37.55 25.26
N VAL A 428 -8.45 -38.84 24.94
CA VAL A 428 -8.03 -39.26 23.61
C VAL A 428 -9.10 -38.84 22.59
N ILE A 429 -8.72 -38.72 21.31
CA ILE A 429 -9.68 -38.35 20.28
C ILE A 429 -10.46 -39.63 19.91
N GLN A 430 -11.76 -39.65 20.24
CA GLN A 430 -12.65 -40.79 19.95
C GLN A 430 -13.34 -40.57 18.62
N ARG A 431 -12.93 -41.31 17.57
CA ARG A 431 -13.52 -41.19 16.24
C ARG A 431 -14.75 -42.09 16.10
N ASN B 26 22.20 -28.23 13.63
CA ASN B 26 21.03 -28.97 14.11
C ASN B 26 20.47 -29.88 12.99
N THR B 27 20.18 -31.15 13.35
CA THR B 27 19.64 -32.16 12.44
C THR B 27 18.10 -32.23 12.55
N TYR B 28 17.47 -31.37 13.40
CA TYR B 28 16.02 -31.33 13.60
C TYR B 28 15.26 -31.19 12.29
N VAL B 29 14.20 -32.00 12.16
CA VAL B 29 13.31 -31.99 11.01
C VAL B 29 11.87 -31.96 11.53
N THR B 30 11.06 -31.02 11.05
CA THR B 30 9.65 -30.90 11.37
C THR B 30 8.93 -32.25 11.05
N PRO B 31 8.26 -32.85 12.07
CA PRO B 31 7.48 -34.08 11.81
C PRO B 31 6.46 -33.90 10.69
N GLN B 32 6.32 -34.92 9.83
CA GLN B 32 5.42 -34.94 8.69
C GLN B 32 3.97 -34.66 9.11
N ALA B 33 3.53 -35.17 10.29
CA ALA B 33 2.18 -34.94 10.82
C ALA B 33 1.88 -33.45 10.85
N PHE B 34 2.87 -32.61 11.25
CA PHE B 34 2.70 -31.16 11.31
C PHE B 34 2.50 -30.56 9.91
N TRP B 35 3.29 -30.99 8.93
CA TRP B 35 3.14 -30.51 7.57
C TRP B 35 1.76 -30.90 7.01
N ASN B 36 1.32 -32.15 7.26
CA ASN B 36 0.02 -32.64 6.80
C ASN B 36 -1.10 -31.76 7.35
N LEU B 37 -1.05 -31.42 8.66
CA LEU B 37 -2.03 -30.54 9.28
C LEU B 37 -1.91 -29.13 8.72
N TYR B 38 -0.69 -28.61 8.54
CA TYR B 38 -0.44 -27.29 7.96
C TYR B 38 -1.10 -27.15 6.56
N PHE B 39 -0.83 -28.11 5.67
CA PHE B 39 -1.32 -28.16 4.29
C PHE B 39 -2.82 -28.42 4.17
N ASP B 40 -3.50 -28.78 5.29
CA ASP B 40 -4.96 -29.00 5.33
C ASP B 40 -5.72 -27.68 5.18
N PHE B 41 -5.12 -26.57 5.58
CA PHE B 41 -5.78 -25.28 5.50
C PHE B 41 -5.11 -24.36 4.48
N THR B 42 -3.77 -24.23 4.50
CA THR B 42 -3.10 -23.29 3.60
C THR B 42 -1.86 -23.90 2.90
N GLY B 43 -1.08 -23.05 2.26
CA GLY B 43 0.14 -23.41 1.55
C GLY B 43 0.01 -23.80 0.10
N ASP B 44 -1.22 -23.72 -0.47
CA ASP B 44 -1.55 -24.13 -1.84
C ASP B 44 -0.79 -23.42 -2.95
N GLU B 45 -0.23 -22.21 -2.69
CA GLU B 45 0.55 -21.46 -3.68
C GLU B 45 2.06 -21.61 -3.47
N THR B 46 2.47 -22.23 -2.37
CA THR B 46 3.87 -22.37 -2.02
C THR B 46 4.49 -23.56 -2.69
N PRO B 47 5.76 -23.47 -3.16
CA PRO B 47 6.42 -24.69 -3.69
C PRO B 47 6.68 -25.62 -2.49
N GLY B 48 6.39 -26.89 -2.66
CA GLY B 48 6.49 -27.85 -1.57
C GLY B 48 5.10 -28.36 -1.20
N TYR B 49 4.04 -27.63 -1.62
CA TYR B 49 2.67 -28.06 -1.40
C TYR B 49 2.45 -29.39 -2.12
N PRO B 50 1.85 -30.40 -1.44
CA PRO B 50 1.65 -31.70 -2.10
C PRO B 50 0.75 -31.60 -3.35
N LYS B 51 1.26 -32.18 -4.44
CA LYS B 51 0.54 -32.26 -5.69
C LYS B 51 -0.69 -33.15 -5.49
N GLY B 52 -1.84 -32.68 -5.97
CA GLY B 52 -3.11 -33.35 -5.92
C GLY B 52 -4.03 -32.91 -4.80
N LYS B 53 -3.47 -32.29 -3.75
CA LYS B 53 -4.26 -31.86 -2.60
C LYS B 53 -5.19 -30.67 -2.86
N ILE B 54 -6.40 -30.74 -2.29
CA ILE B 54 -7.34 -29.64 -2.29
C ILE B 54 -7.55 -29.31 -0.80
N ASN B 55 -6.96 -28.19 -0.34
CA ASN B 55 -7.06 -27.78 1.06
C ASN B 55 -8.41 -27.07 1.33
N ILE B 56 -8.63 -26.69 2.60
CA ILE B 56 -9.88 -26.06 3.04
C ILE B 56 -10.06 -24.68 2.37
N SER B 57 -8.97 -23.87 2.23
CA SER B 57 -9.04 -22.57 1.55
C SER B 57 -9.55 -22.69 0.12
N GLN B 58 -9.02 -23.66 -0.64
CA GLN B 58 -9.38 -23.95 -2.04
C GLN B 58 -10.84 -24.39 -2.15
N THR B 59 -11.30 -25.27 -1.24
CA THR B 59 -12.70 -25.73 -1.22
C THR B 59 -13.60 -24.52 -1.04
N LEU B 60 -13.28 -23.62 -0.07
CA LEU B 60 -14.05 -22.41 0.17
C LEU B 60 -14.21 -21.53 -1.07
N PHE B 61 -13.11 -21.25 -1.80
CA PHE B 61 -13.16 -20.37 -2.98
C PHE B 61 -13.81 -21.06 -4.21
N GLN B 62 -14.03 -22.39 -4.16
CA GLN B 62 -14.70 -23.17 -5.20
C GLN B 62 -16.18 -23.45 -4.84
N SER B 63 -16.51 -23.54 -3.52
CA SER B 63 -17.88 -23.75 -3.01
C SER B 63 -18.75 -22.53 -3.28
N GLU B 64 -18.14 -21.33 -3.17
CA GLU B 64 -18.76 -20.02 -3.39
C GLU B 64 -19.25 -19.92 -4.84
N MSE B 65 -18.49 -20.55 -5.77
CA MSE B 65 -18.78 -20.60 -7.20
C MSE B 65 -20.04 -21.44 -7.53
O MSE B 65 -20.90 -20.95 -8.27
CB MSE B 65 -17.59 -21.19 -7.95
CG MSE B 65 -16.72 -20.16 -8.61
SE MSE B 65 -15.44 -21.01 -9.78
CE MSE B 65 -14.12 -21.64 -8.46
N LYS B 66 -20.11 -22.68 -6.99
CA LYS B 66 -21.21 -23.63 -7.21
C LYS B 66 -22.58 -23.06 -6.81
N LYS B 67 -22.75 -22.65 -5.53
CA LYS B 67 -23.99 -22.07 -4.99
C LYS B 67 -23.69 -20.89 -4.08
N ASN B 75 -26.19 -13.99 -11.02
CA ASN B 75 -25.80 -12.62 -11.31
C ASN B 75 -24.34 -12.33 -10.86
N GLU B 76 -23.35 -12.99 -11.53
CA GLU B 76 -21.91 -12.79 -11.28
C GLU B 76 -21.46 -11.54 -12.06
N GLY B 77 -20.68 -10.68 -11.40
CA GLY B 77 -20.27 -9.40 -11.95
C GLY B 77 -19.05 -9.36 -12.86
N GLN B 78 -18.63 -8.11 -13.17
CA GLN B 78 -17.47 -7.79 -13.98
C GLN B 78 -16.23 -7.72 -13.09
N LEU B 79 -15.07 -8.05 -13.70
CA LEU B 79 -13.76 -7.99 -13.07
C LEU B 79 -13.07 -6.76 -13.57
N ILE B 80 -12.91 -5.77 -12.69
CA ILE B 80 -12.26 -4.49 -13.00
C ILE B 80 -10.86 -4.58 -12.43
N LEU B 81 -9.83 -4.61 -13.30
CA LEU B 81 -8.45 -4.81 -12.86
C LEU B 81 -7.52 -3.67 -13.24
N PHE B 82 -7.07 -2.92 -12.23
CA PHE B 82 -6.06 -1.88 -12.40
C PHE B 82 -4.75 -2.55 -12.03
N ILE B 83 -4.06 -3.11 -13.04
CA ILE B 83 -2.81 -3.84 -12.85
C ILE B 83 -1.70 -3.09 -13.58
N ASN B 84 -0.76 -2.55 -12.78
CA ASN B 84 0.40 -1.76 -13.18
C ASN B 84 -0.08 -0.41 -13.74
N SER B 85 -0.05 -0.22 -15.06
CA SER B 85 -0.48 1.03 -15.71
C SER B 85 -1.67 0.79 -16.64
N THR B 86 -2.20 -0.43 -16.66
CA THR B 86 -3.31 -0.75 -17.53
C THR B 86 -4.56 -1.13 -16.73
N LEU B 87 -5.74 -0.81 -17.31
CA LEU B 87 -7.05 -1.18 -16.81
C LEU B 87 -7.58 -2.35 -17.68
N TYR B 88 -8.06 -3.41 -17.04
CA TYR B 88 -8.63 -4.56 -17.73
C TYR B 88 -10.01 -4.85 -17.17
N ILE B 89 -11.03 -4.93 -18.03
CA ILE B 89 -12.36 -5.26 -17.59
C ILE B 89 -12.75 -6.55 -18.31
N TYR B 90 -13.10 -7.57 -17.53
CA TYR B 90 -13.50 -8.90 -17.99
C TYR B 90 -14.88 -9.26 -17.44
N ASN B 91 -15.74 -9.83 -18.30
CA ASN B 91 -17.09 -10.25 -17.89
C ASN B 91 -17.05 -11.67 -17.27
N SER B 92 -18.21 -12.20 -16.83
CA SER B 92 -18.36 -13.53 -16.23
C SER B 92 -17.90 -14.62 -17.17
N ASP B 93 -18.03 -14.40 -18.48
CA ASP B 93 -17.65 -15.37 -19.48
C ASP B 93 -16.13 -15.29 -19.82
N ARG B 94 -15.34 -14.58 -18.97
CA ARG B 94 -13.88 -14.41 -19.07
C ARG B 94 -13.46 -13.63 -20.34
N GLN B 95 -14.40 -12.89 -20.96
CA GLN B 95 -14.16 -12.12 -22.19
C GLN B 95 -13.78 -10.68 -21.85
N LEU B 96 -12.77 -10.15 -22.59
CA LEU B 96 -12.24 -8.80 -22.45
C LEU B 96 -13.25 -7.80 -22.95
N LYS B 97 -13.61 -6.84 -22.09
CA LYS B 97 -14.57 -5.79 -22.40
C LYS B 97 -13.86 -4.46 -22.65
N LEU B 98 -12.72 -4.22 -21.98
CA LEU B 98 -11.92 -3.00 -22.14
C LEU B 98 -10.48 -3.24 -21.73
N LYS B 99 -9.54 -2.67 -22.49
CA LYS B 99 -8.12 -2.66 -22.21
C LYS B 99 -7.67 -1.25 -22.45
N GLN B 100 -7.50 -0.50 -21.37
CA GLN B 100 -7.11 0.90 -21.47
C GLN B 100 -5.80 1.18 -20.72
N LEU B 101 -4.88 1.88 -21.39
CA LEU B 101 -3.62 2.29 -20.78
C LEU B 101 -3.83 3.56 -19.99
N MSE B 102 -3.43 3.55 -18.72
CA MSE B 102 -3.55 4.70 -17.83
C MSE B 102 -2.56 5.79 -18.24
O MSE B 102 -2.78 6.95 -17.89
CB MSE B 102 -3.35 4.31 -16.35
CG MSE B 102 -4.31 3.21 -15.85
SE MSE B 102 -6.11 3.80 -15.63
CE MSE B 102 -6.68 3.38 -17.42
N ARG B 103 -1.51 5.41 -19.00
CA ARG B 103 -0.50 6.33 -19.56
C ARG B 103 -1.20 7.42 -20.37
N THR B 104 -0.78 8.67 -20.20
CA THR B 104 -1.39 9.82 -20.89
C THR B 104 -1.15 9.78 -22.42
N ALA B 105 -2.19 10.11 -23.17
CA ALA B 105 -2.22 10.13 -24.63
C ALA B 105 -1.33 11.26 -25.23
N PRO B 106 -0.87 11.15 -26.51
CA PRO B 106 -0.07 12.23 -27.09
C PRO B 106 -0.93 13.41 -27.63
N ASN B 107 -2.27 13.25 -27.62
CA ASN B 107 -3.24 14.25 -28.11
C ASN B 107 -4.18 14.68 -26.99
N SER B 108 -3.79 14.41 -25.74
CA SER B 108 -4.53 14.70 -24.53
C SER B 108 -4.36 16.14 -23.99
N GLY B 109 -3.24 16.81 -24.30
CA GLY B 109 -2.96 18.15 -23.79
C GLY B 109 -2.21 18.11 -22.46
N PHE B 110 -1.73 16.90 -22.05
CA PHE B 110 -1.02 16.66 -20.79
C PHE B 110 0.33 17.40 -20.77
N THR B 111 1.22 17.14 -21.76
CA THR B 111 2.54 17.77 -21.88
C THR B 111 2.41 19.30 -21.87
N GLU B 112 1.50 19.81 -22.72
CA GLU B 112 1.21 21.23 -22.88
C GLU B 112 0.84 21.89 -21.56
N MSE B 113 -0.14 21.29 -20.85
CA MSE B 113 -0.68 21.76 -19.57
C MSE B 113 0.36 21.66 -18.46
O MSE B 113 0.51 22.62 -17.69
CB MSE B 113 -1.93 20.91 -19.24
CG MSE B 113 -3.20 21.70 -18.96
SE MSE B 113 -3.54 23.32 -20.00
CE MSE B 113 -3.73 22.55 -21.62
N THR B 114 1.08 20.51 -18.38
CA THR B 114 2.10 20.23 -17.38
C THR B 114 3.31 21.16 -17.54
N ALA B 115 3.74 21.45 -18.79
CA ALA B 115 4.86 22.33 -19.08
C ALA B 115 4.64 23.72 -18.48
N ILE B 116 3.42 24.25 -18.58
CA ILE B 116 3.04 25.56 -18.04
C ILE B 116 3.01 25.49 -16.50
N SER B 117 2.39 24.43 -15.96
CA SER B 117 2.29 24.23 -14.51
C SER B 117 3.69 24.23 -13.83
N HIS B 118 4.63 23.51 -14.44
CA HIS B 118 5.97 23.27 -13.93
C HIS B 118 6.85 24.50 -13.87
N ILE B 119 6.39 25.66 -14.39
CA ILE B 119 7.13 26.92 -14.34
C ILE B 119 7.33 27.36 -12.86
N GLY B 120 6.31 27.18 -12.01
CA GLY B 120 6.36 27.48 -10.58
C GLY B 120 7.45 26.66 -9.91
N PRO B 121 7.32 25.30 -9.90
CA PRO B 121 8.39 24.46 -9.31
C PRO B 121 9.78 24.72 -9.92
N ALA B 122 9.88 24.95 -11.25
CA ALA B 122 11.15 25.27 -11.94
C ALA B 122 11.80 26.51 -11.31
N LEU B 123 11.03 27.59 -11.11
CA LEU B 123 11.54 28.82 -10.50
C LEU B 123 11.95 28.60 -9.03
N MSE B 124 11.22 27.72 -8.30
CA MSE B 124 11.51 27.34 -6.91
C MSE B 124 12.85 26.65 -6.84
O MSE B 124 13.66 26.99 -5.99
CB MSE B 124 10.42 26.44 -6.36
CG MSE B 124 9.15 27.17 -6.04
SE MSE B 124 7.78 25.98 -5.39
CE MSE B 124 6.26 26.73 -6.45
N TYR B 125 13.09 25.72 -7.78
CA TYR B 125 14.33 24.97 -7.93
C TYR B 125 15.48 25.92 -8.23
N LEU B 126 15.24 26.93 -9.11
CA LEU B 126 16.26 27.92 -9.49
C LEU B 126 16.69 28.76 -8.29
N ALA B 127 15.74 29.15 -7.42
CA ALA B 127 16.00 29.90 -6.18
C ALA B 127 16.88 29.08 -5.26
N LYS B 128 16.63 27.74 -5.20
CA LYS B 128 17.41 26.81 -4.39
C LYS B 128 18.84 26.68 -4.95
N ILE B 129 18.98 26.49 -6.30
CA ILE B 129 20.26 26.42 -7.03
C ILE B 129 21.09 27.69 -6.72
N LYS B 130 20.44 28.88 -6.71
CA LYS B 130 21.09 30.15 -6.39
C LYS B 130 21.62 30.10 -4.94
N GLU B 131 20.77 29.69 -3.97
CA GLU B 131 21.12 29.55 -2.54
C GLU B 131 22.35 28.65 -2.33
N ASN B 132 22.44 27.53 -3.07
CA ASN B 132 23.59 26.61 -3.05
C ASN B 132 24.85 27.19 -3.71
N GLY B 133 24.76 28.42 -4.20
CA GLY B 133 25.87 29.11 -4.85
C GLY B 133 26.25 28.58 -6.22
N ASP B 134 25.31 27.97 -6.94
CA ASP B 134 25.54 27.47 -8.28
C ASP B 134 24.99 28.50 -9.29
N ALA B 135 25.92 29.11 -10.05
CA ALA B 135 25.67 30.16 -11.05
C ALA B 135 24.85 29.65 -12.26
N SER B 136 24.72 28.32 -12.43
CA SER B 136 23.96 27.71 -13.52
C SER B 136 22.49 28.12 -13.49
N TRP B 137 22.00 28.75 -12.39
CA TRP B 137 20.62 29.20 -12.28
C TRP B 137 20.31 30.30 -13.32
N LYS B 138 21.30 31.14 -13.64
CA LYS B 138 21.20 32.24 -14.60
C LYS B 138 21.05 31.73 -16.01
N SER B 139 21.85 30.72 -16.40
CA SER B 139 21.79 30.16 -17.74
C SER B 139 20.53 29.32 -17.92
N GLN B 140 20.12 28.61 -16.86
CA GLN B 140 18.89 27.80 -16.89
C GLN B 140 17.64 28.69 -17.02
N MSE B 141 17.60 29.81 -16.26
CA MSE B 141 16.50 30.76 -16.29
C MSE B 141 16.45 31.54 -17.62
O MSE B 141 15.36 31.89 -18.06
CB MSE B 141 16.53 31.73 -15.10
CG MSE B 141 15.33 32.64 -15.08
SE MSE B 141 15.49 34.10 -13.84
CE MSE B 141 15.16 33.14 -12.21
N GLU B 142 17.61 31.81 -18.25
CA GLU B 142 17.65 32.47 -19.55
C GLU B 142 16.93 31.59 -20.59
N ASN B 143 17.27 30.28 -20.59
CA ASN B 143 16.73 29.31 -21.52
C ASN B 143 15.25 29.09 -21.26
N LEU B 144 14.86 28.99 -19.97
CA LEU B 144 13.49 28.84 -19.54
C LEU B 144 12.65 30.03 -20.10
N LEU B 145 13.15 31.27 -19.95
CA LEU B 145 12.50 32.49 -20.46
C LEU B 145 12.37 32.44 -22.02
N LYS B 146 13.44 32.03 -22.72
CA LYS B 146 13.45 31.88 -24.18
C LYS B 146 12.35 30.89 -24.65
N ASP B 147 12.25 29.74 -23.96
CA ASP B 147 11.31 28.68 -24.30
C ASP B 147 9.85 29.09 -24.00
N ILE B 148 9.63 29.94 -22.97
CA ILE B 148 8.30 30.48 -22.58
C ILE B 148 7.84 31.48 -23.66
N GLN B 149 8.78 32.25 -24.24
CA GLN B 149 8.47 33.21 -25.30
C GLN B 149 8.00 32.47 -26.58
N ALA B 150 8.66 31.34 -26.90
CA ALA B 150 8.29 30.48 -28.04
C ALA B 150 6.88 29.88 -27.81
N VAL B 151 6.56 29.49 -26.55
CA VAL B 151 5.25 28.93 -26.22
C VAL B 151 4.17 30.02 -26.36
N LYS B 152 4.44 31.26 -25.89
CA LYS B 152 3.48 32.35 -25.98
C LYS B 152 3.05 32.55 -27.44
N VAL B 153 4.03 32.52 -28.36
CA VAL B 153 3.81 32.73 -29.78
C VAL B 153 2.96 31.58 -30.36
N ILE B 154 3.34 30.31 -30.12
CA ILE B 154 2.62 29.14 -30.64
C ILE B 154 1.17 29.10 -30.12
N ASN B 155 0.97 29.49 -28.84
CA ASN B 155 -0.35 29.53 -28.19
C ASN B 155 -1.24 30.60 -28.83
N ALA B 156 -0.63 31.66 -29.40
CA ALA B 156 -1.38 32.73 -30.02
C ALA B 156 -1.72 32.43 -31.50
N GLN B 157 -1.22 31.30 -32.06
CA GLN B 157 -1.47 30.92 -33.47
C GLN B 157 -2.95 30.65 -33.75
N THR B 158 -3.43 31.25 -34.83
CA THR B 158 -4.81 31.14 -35.26
C THR B 158 -4.83 31.20 -36.79
N PRO B 159 -5.64 30.36 -37.49
CA PRO B 159 -6.51 29.29 -36.94
C PRO B 159 -5.68 28.02 -36.73
N ASN B 160 -6.36 26.88 -36.46
CA ASN B 160 -5.74 25.57 -36.20
C ASN B 160 -4.84 25.69 -34.96
N ASN B 161 -5.34 26.43 -33.94
CA ASN B 161 -4.67 26.57 -32.66
C ASN B 161 -4.59 25.18 -32.07
N TRP B 162 -3.46 24.85 -31.44
CA TRP B 162 -3.17 23.55 -30.84
C TRP B 162 -4.31 23.09 -29.92
N LEU B 163 -4.91 24.03 -29.17
CA LEU B 163 -5.97 23.79 -28.19
C LEU B 163 -7.26 23.29 -28.84
N GLU B 164 -7.54 23.73 -30.08
CA GLU B 164 -8.71 23.30 -30.84
C GLU B 164 -8.52 21.87 -31.38
N GLN B 165 -7.27 21.37 -31.38
CA GLN B 165 -6.90 20.07 -31.96
C GLN B 165 -6.73 18.98 -30.90
N VAL B 166 -6.74 19.35 -29.62
CA VAL B 166 -6.58 18.44 -28.49
C VAL B 166 -7.90 17.65 -28.26
N ASN B 167 -7.78 16.37 -27.89
CA ASN B 167 -8.90 15.50 -27.57
C ASN B 167 -9.22 15.63 -26.08
N ALA B 168 -10.07 16.62 -25.76
CA ALA B 168 -10.49 16.90 -24.39
C ALA B 168 -11.90 17.55 -24.41
N PRO B 169 -12.96 16.72 -24.59
CA PRO B 169 -14.33 17.26 -24.67
C PRO B 169 -14.76 18.11 -23.46
N ALA B 170 -14.32 17.71 -22.26
CA ALA B 170 -14.58 18.35 -20.97
C ALA B 170 -14.05 19.78 -20.89
N TRP B 171 -13.05 20.14 -21.72
CA TRP B 171 -12.46 21.48 -21.75
C TRP B 171 -13.21 22.40 -22.68
N LYS B 172 -13.96 21.84 -23.64
CA LYS B 172 -14.68 22.61 -24.66
C LYS B 172 -15.40 23.87 -24.07
N PRO B 173 -16.13 23.84 -22.93
CA PRO B 173 -16.76 25.09 -22.45
C PRO B 173 -15.79 26.20 -22.05
N HIS B 174 -14.52 25.86 -21.79
CA HIS B 174 -13.52 26.81 -21.26
C HIS B 174 -12.31 27.04 -22.17
N LEU B 175 -12.37 26.62 -23.45
CA LEU B 175 -11.25 26.77 -24.38
C LEU B 175 -10.72 28.21 -24.45
N THR B 176 -11.61 29.24 -24.45
CA THR B 176 -11.20 30.65 -24.52
C THR B 176 -10.40 31.02 -23.27
N THR B 177 -10.91 30.65 -22.09
CA THR B 177 -10.27 30.86 -20.77
C THR B 177 -8.90 30.17 -20.72
N ILE B 178 -8.79 28.89 -21.17
CA ILE B 178 -7.54 28.12 -21.20
C ILE B 178 -6.50 28.87 -22.07
N HIS B 179 -6.91 29.38 -23.27
CA HIS B 179 -6.03 30.15 -24.14
C HIS B 179 -5.48 31.39 -23.45
N ASN B 180 -6.37 32.20 -22.84
CA ASN B 180 -6.01 33.45 -22.16
C ASN B 180 -5.09 33.20 -21.00
N MSE B 181 -5.31 32.07 -20.32
CA MSE B 181 -4.55 31.68 -19.17
C MSE B 181 -3.09 31.35 -19.54
O MSE B 181 -2.19 31.80 -18.83
CB MSE B 181 -5.22 30.52 -18.47
CG MSE B 181 -4.50 30.18 -17.19
SE MSE B 181 -4.34 28.32 -16.90
CE MSE B 181 -3.14 27.88 -18.33
N ILE B 182 -2.88 30.56 -20.63
CA ILE B 182 -1.53 30.22 -21.08
C ILE B 182 -0.82 31.49 -21.55
N ASP B 183 -1.56 32.39 -22.23
CA ASP B 183 -1.03 33.67 -22.68
C ASP B 183 -0.60 34.51 -21.47
N TYR B 184 -1.49 34.66 -20.47
CA TYR B 184 -1.27 35.37 -19.21
C TYR B 184 -0.05 34.81 -18.47
N ALA B 185 0.03 33.46 -18.41
CA ALA B 185 1.09 32.72 -17.74
C ALA B 185 2.43 33.01 -18.36
N CYS B 186 2.52 32.93 -19.69
CA CYS B 186 3.77 33.20 -20.42
C CYS B 186 4.21 34.64 -20.22
N SER B 187 3.27 35.58 -20.32
CA SER B 187 3.51 37.02 -20.14
C SER B 187 4.01 37.33 -18.71
N MSE B 188 3.35 36.74 -17.70
CA MSE B 188 3.71 36.93 -16.29
C MSE B 188 5.10 36.37 -15.99
O MSE B 188 5.97 37.11 -15.55
CB MSE B 188 2.63 36.28 -15.41
CG MSE B 188 2.91 36.36 -13.95
SE MSE B 188 1.41 35.66 -12.92
CE MSE B 188 1.82 36.54 -11.19
N ALA B 189 5.29 35.07 -16.24
CA ALA B 189 6.53 34.33 -15.97
C ALA B 189 7.70 34.89 -16.77
N GLY B 190 7.46 35.21 -18.03
CA GLY B 190 8.45 35.77 -18.93
C GLY B 190 8.96 37.11 -18.45
N ASN B 191 8.05 38.07 -18.19
CA ASN B 191 8.45 39.39 -17.72
C ASN B 191 9.02 39.34 -16.29
N TYR B 192 8.63 38.34 -15.49
CA TYR B 192 9.20 38.19 -14.15
C TYR B 192 10.66 37.78 -14.27
N MSE B 193 10.96 36.74 -15.06
CA MSE B 193 12.31 36.24 -15.29
C MSE B 193 13.18 37.32 -15.89
O MSE B 193 14.33 37.48 -15.46
CB MSE B 193 12.30 35.01 -16.19
CG MSE B 193 11.79 33.79 -15.47
SE MSE B 193 11.74 32.24 -16.59
CE MSE B 193 10.19 31.50 -15.80
N SER B 194 12.63 38.11 -16.83
CA SER B 194 13.32 39.21 -17.48
C SER B 194 13.81 40.23 -16.46
N ASP B 195 12.92 40.61 -15.53
CA ASP B 195 13.18 41.55 -14.45
C ASP B 195 14.27 41.05 -13.47
N VAL B 196 14.34 39.72 -13.23
CA VAL B 196 15.32 39.09 -12.34
C VAL B 196 16.70 39.15 -13.03
N LEU B 197 16.75 38.73 -14.31
CA LEU B 197 17.99 38.70 -15.11
C LEU B 197 18.48 40.12 -15.45
N ASN B 198 17.58 41.12 -15.50
CA ASN B 198 17.93 42.53 -15.73
C ASN B 198 18.16 43.26 -14.38
N GLU B 199 18.10 42.51 -13.24
CA GLU B 199 18.35 42.97 -11.88
C GLU B 199 17.39 44.09 -11.41
N LYS B 200 16.16 44.13 -11.97
CA LYS B 200 15.10 45.06 -11.56
C LYS B 200 14.45 44.53 -10.27
N LEU B 201 14.55 43.20 -10.02
CA LEU B 201 14.04 42.47 -8.86
C LEU B 201 15.13 41.59 -8.26
N SER B 202 14.98 41.21 -6.99
CA SER B 202 15.90 40.30 -6.31
C SER B 202 15.46 38.87 -6.54
N PHE B 203 16.37 37.91 -6.40
CA PHE B 203 15.94 36.52 -6.54
C PHE B 203 16.32 35.69 -5.31
N ASP B 204 15.32 35.10 -4.66
CA ASP B 204 15.43 34.18 -3.51
C ASP B 204 14.06 33.57 -3.25
N MSE B 205 13.95 32.54 -2.38
CA MSE B 205 12.67 31.88 -2.08
C MSE B 205 11.59 32.88 -1.72
O MSE B 205 10.50 32.80 -2.29
CB MSE B 205 12.78 30.83 -0.97
CG MSE B 205 13.12 29.40 -1.43
SE MSE B 205 12.17 28.56 -3.00
CE MSE B 205 10.31 29.04 -2.72
N ALA B 206 11.89 33.83 -0.83
CA ALA B 206 10.96 34.87 -0.34
C ALA B 206 10.51 35.84 -1.45
N SER B 207 11.47 36.37 -2.23
CA SER B 207 11.21 37.28 -3.34
C SER B 207 10.34 36.62 -4.39
N LEU B 208 10.69 35.38 -4.80
CA LEU B 208 9.96 34.59 -5.79
C LEU B 208 8.47 34.45 -5.40
N GLN B 209 8.21 34.16 -4.10
CA GLN B 209 6.87 34.00 -3.56
C GLN B 209 6.06 35.30 -3.64
N ASN B 210 6.62 36.39 -3.11
CA ASN B 210 5.93 37.68 -3.09
C ASN B 210 5.85 38.34 -4.47
N ASP B 211 6.95 38.33 -5.26
CA ASP B 211 6.97 39.01 -6.57
C ASP B 211 6.27 38.26 -7.70
N PHE B 212 6.16 36.91 -7.60
CA PHE B 212 5.61 36.13 -8.71
C PHE B 212 4.49 35.13 -8.32
N LEU B 213 4.80 34.14 -7.45
CA LEU B 213 3.85 33.08 -7.08
C LEU B 213 2.53 33.64 -6.50
N ASN B 214 2.58 34.68 -5.66
CA ASN B 214 1.39 35.31 -5.06
C ASN B 214 0.74 36.36 -5.94
N GLY B 215 1.43 36.76 -7.01
CA GLY B 215 0.98 37.80 -7.90
C GLY B 215 1.69 39.11 -7.62
N ASN B 216 1.49 40.08 -8.50
CA ASN B 216 2.08 41.41 -8.41
C ASN B 216 1.12 42.42 -9.02
N LYS B 217 1.43 43.73 -8.92
CA LYS B 217 0.60 44.83 -9.43
C LYS B 217 0.24 44.67 -10.93
N THR B 218 1.19 44.27 -11.80
CA THR B 218 0.94 44.09 -13.23
C THR B 218 0.16 42.78 -13.52
N TYR B 219 0.48 41.71 -12.80
CA TYR B 219 -0.15 40.40 -12.99
C TYR B 219 -0.84 39.99 -11.68
N PRO B 220 -2.05 40.54 -11.40
CA PRO B 220 -2.71 40.28 -10.10
C PRO B 220 -3.18 38.85 -9.84
N ILE B 221 -3.43 38.03 -10.87
CA ILE B 221 -3.80 36.63 -10.63
C ILE B 221 -2.50 35.89 -10.27
N PRO B 222 -2.41 35.30 -9.07
CA PRO B 222 -1.18 34.58 -8.69
C PRO B 222 -0.80 33.50 -9.69
N TYR B 223 0.50 33.21 -9.79
CA TYR B 223 0.90 32.11 -10.65
C TYR B 223 0.46 30.78 -10.01
N ASN B 224 0.27 30.78 -8.68
CA ASN B 224 -0.25 29.66 -7.89
C ASN B 224 -1.56 29.13 -8.53
N ASN B 225 -2.43 30.06 -9.00
CA ASN B 225 -3.68 29.74 -9.66
C ASN B 225 -3.43 29.05 -11.02
N VAL B 226 -2.41 29.49 -11.76
CA VAL B 226 -2.07 28.89 -13.04
C VAL B 226 -1.59 27.43 -12.82
N MSE B 227 -0.76 27.22 -11.80
CA MSE B 227 -0.27 25.87 -11.45
C MSE B 227 -1.44 24.90 -11.14
O MSE B 227 -1.45 23.78 -11.65
CB MSE B 227 0.66 25.93 -10.23
CG MSE B 227 1.96 26.64 -10.43
SE MSE B 227 3.01 26.46 -8.76
CE MSE B 227 2.89 28.07 -8.18
N ILE B 228 -2.40 25.34 -10.30
CA ILE B 228 -3.55 24.52 -9.91
C ILE B 228 -4.50 24.32 -11.10
N GLY B 229 -4.80 25.39 -11.85
CA GLY B 229 -5.66 25.37 -13.02
C GLY B 229 -5.24 24.33 -14.03
N THR B 230 -3.94 24.33 -14.38
CA THR B 230 -3.34 23.43 -15.35
C THR B 230 -3.44 21.98 -14.85
N PHE B 231 -3.12 21.72 -13.57
CA PHE B 231 -3.21 20.38 -12.98
C PHE B 231 -4.60 19.85 -13.04
N MSE B 232 -5.57 20.69 -12.67
CA MSE B 232 -6.99 20.39 -12.65
C MSE B 232 -7.49 19.98 -14.03
O MSE B 232 -8.24 19.00 -14.12
CB MSE B 232 -7.76 21.63 -12.16
CG MSE B 232 -7.77 21.76 -10.64
SE MSE B 232 -8.97 20.47 -9.82
CE MSE B 232 -8.63 20.91 -8.00
N LEU B 233 -7.03 20.67 -15.10
CA LEU B 233 -7.44 20.36 -16.48
C LEU B 233 -6.93 19.00 -16.92
N THR B 234 -5.75 18.64 -16.45
CA THR B 234 -5.08 17.38 -16.72
C THR B 234 -5.90 16.25 -16.03
N ALA B 235 -6.33 16.46 -14.76
CA ALA B 235 -7.15 15.48 -14.01
C ALA B 235 -8.50 15.31 -14.67
N LEU B 236 -9.13 16.43 -15.05
CA LEU B 236 -10.42 16.45 -15.72
C LEU B 236 -10.35 15.70 -17.07
N GLN B 237 -9.26 15.85 -17.86
CA GLN B 237 -9.12 15.19 -19.17
C GLN B 237 -9.03 13.67 -18.99
N SER B 238 -8.16 13.24 -18.09
CA SER B 238 -7.88 11.86 -17.75
C SER B 238 -9.16 11.14 -17.26
N MSE B 239 -9.91 11.80 -16.35
CA MSE B 239 -11.11 11.22 -15.78
C MSE B 239 -12.25 11.21 -16.78
O MSE B 239 -13.00 10.22 -16.81
CB MSE B 239 -11.50 11.95 -14.50
CG MSE B 239 -10.60 11.58 -13.34
SE MSE B 239 -11.07 12.54 -11.76
CE MSE B 239 -9.46 12.30 -10.86
N ASP B 240 -12.36 12.24 -17.63
CA ASP B 240 -13.41 12.29 -18.64
C ASP B 240 -13.22 11.18 -19.68
N GLN B 241 -11.97 10.92 -20.12
CA GLN B 241 -11.64 9.87 -21.07
C GLN B 241 -12.01 8.50 -20.52
N LEU B 242 -11.76 8.28 -19.24
CA LEU B 242 -12.04 7.01 -18.60
C LEU B 242 -13.51 6.81 -18.42
N HIS B 243 -14.25 7.85 -17.98
CA HIS B 243 -15.68 7.75 -17.80
C HIS B 243 -16.37 7.46 -19.13
N SER B 244 -15.94 8.13 -20.22
CA SER B 244 -16.52 7.91 -21.56
C SER B 244 -16.39 6.45 -21.97
N LYS B 245 -15.23 5.84 -21.74
CA LYS B 245 -14.96 4.48 -22.09
C LYS B 245 -15.68 3.48 -21.18
N ILE B 246 -15.53 3.60 -19.85
CA ILE B 246 -16.13 2.67 -18.90
C ILE B 246 -17.70 2.71 -18.93
N SER B 247 -18.31 3.90 -19.17
CA SER B 247 -19.76 4.11 -19.26
C SER B 247 -20.44 3.27 -20.32
N GLN B 248 -19.77 3.08 -21.47
CA GLN B 248 -20.32 2.40 -22.63
C GLN B 248 -20.39 0.87 -22.44
N LEU B 249 -19.85 0.36 -21.33
CA LEU B 249 -19.82 -1.08 -21.06
C LEU B 249 -21.07 -1.56 -20.34
N LYS B 250 -21.89 -0.64 -19.81
CA LYS B 250 -23.15 -0.95 -19.09
C LYS B 250 -22.93 -2.03 -17.99
N ILE B 251 -22.03 -1.70 -17.06
CA ILE B 251 -21.61 -2.50 -15.93
C ILE B 251 -22.71 -2.51 -14.89
N ASP B 252 -22.92 -3.67 -14.25
CA ASP B 252 -23.87 -3.84 -13.17
C ASP B 252 -23.06 -3.61 -11.90
N TRP B 253 -22.91 -2.33 -11.56
CA TRP B 253 -22.05 -1.85 -10.47
C TRP B 253 -22.28 -2.52 -9.11
N PRO B 254 -23.52 -2.78 -8.61
CA PRO B 254 -23.63 -3.47 -7.31
C PRO B 254 -22.91 -4.84 -7.22
N HIS B 255 -22.64 -5.49 -8.36
CA HIS B 255 -22.00 -6.81 -8.43
C HIS B 255 -20.57 -6.78 -8.96
N ALA B 256 -20.03 -5.59 -9.30
CA ALA B 256 -18.65 -5.43 -9.76
C ALA B 256 -17.63 -5.88 -8.71
N LYS B 257 -16.46 -6.32 -9.18
CA LYS B 257 -15.34 -6.74 -8.36
C LYS B 257 -14.17 -5.90 -8.81
N VAL B 258 -13.66 -5.03 -7.90
CA VAL B 258 -12.56 -4.12 -8.23
C VAL B 258 -11.27 -4.51 -7.48
N ILE B 259 -10.19 -4.69 -8.28
CA ILE B 259 -8.86 -5.02 -7.83
C ILE B 259 -7.92 -3.90 -8.28
N ILE B 260 -7.23 -3.28 -7.31
CA ILE B 260 -6.27 -2.22 -7.55
C ILE B 260 -4.87 -2.73 -7.19
N ARG B 261 -4.00 -2.82 -8.19
CA ARG B 261 -2.60 -3.18 -8.09
C ARG B 261 -1.88 -2.27 -9.10
N PHE B 262 -2.19 -0.96 -8.99
CA PHE B 262 -1.73 0.15 -9.81
C PHE B 262 -0.38 0.70 -9.34
N VAL B 263 0.59 0.82 -10.29
CA VAL B 263 1.95 1.33 -10.08
C VAL B 263 2.18 2.57 -10.90
N ALA B 264 2.42 3.69 -10.17
CA ALA B 264 2.72 5.03 -10.69
C ALA B 264 4.24 5.12 -11.12
N GLY B 265 4.58 4.48 -12.24
CA GLY B 265 5.95 4.43 -12.76
C GLY B 265 6.97 3.87 -11.78
N SER B 266 7.92 4.71 -11.34
CA SER B 266 8.95 4.35 -10.37
C SER B 266 8.52 4.62 -8.91
N ASN B 267 7.30 5.15 -8.67
CA ASN B 267 6.82 5.38 -7.30
C ASN B 267 6.27 4.06 -6.73
N VAL B 268 7.19 3.22 -6.26
CA VAL B 268 6.95 1.84 -5.77
C VAL B 268 6.33 1.76 -4.36
N SER B 269 6.05 2.90 -3.73
CA SER B 269 5.51 2.96 -2.38
C SER B 269 4.17 3.70 -2.29
N ALA B 270 3.67 4.24 -3.42
CA ALA B 270 2.46 5.07 -3.42
C ALA B 270 1.17 4.35 -3.81
N GLY B 271 0.03 4.94 -3.41
CA GLY B 271 -1.30 4.44 -3.73
C GLY B 271 -1.59 3.01 -3.34
N VAL B 272 -1.08 2.57 -2.19
CA VAL B 272 -1.23 1.19 -1.69
C VAL B 272 -2.30 1.16 -0.56
N SER B 273 -2.91 2.31 -0.23
CA SER B 273 -4.02 2.39 0.74
C SER B 273 -5.05 3.36 0.18
N LYS B 274 -6.34 3.06 0.39
CA LYS B 274 -7.49 3.75 -0.21
C LYS B 274 -7.47 5.27 -0.01
N GLY B 275 -7.00 5.76 1.14
CA GLY B 275 -6.88 7.18 1.38
C GLY B 275 -5.80 7.88 0.56
N SER B 276 -4.89 7.11 -0.03
CA SER B 276 -3.75 7.60 -0.82
C SER B 276 -3.84 7.20 -2.31
N ASN B 277 -5.00 6.74 -2.79
CA ASN B 277 -5.25 6.35 -4.18
C ASN B 277 -6.59 6.90 -4.63
N TRP B 278 -6.57 7.94 -5.47
CA TRP B 278 -7.80 8.60 -5.94
C TRP B 278 -8.59 7.69 -6.89
N LEU B 279 -8.03 6.52 -7.32
CA LEU B 279 -8.78 5.56 -8.13
C LEU B 279 -9.98 5.02 -7.35
N VAL B 280 -9.86 4.96 -5.99
CA VAL B 280 -10.92 4.48 -5.10
C VAL B 280 -12.13 5.43 -5.18
N PRO B 281 -12.05 6.75 -4.83
CA PRO B 281 -13.23 7.62 -4.99
C PRO B 281 -13.65 7.77 -6.48
N PHE B 282 -12.69 7.70 -7.42
CA PHE B 282 -12.99 7.79 -8.85
C PHE B 282 -13.89 6.63 -9.29
N VAL B 283 -13.58 5.39 -8.87
CA VAL B 283 -14.40 4.22 -9.20
C VAL B 283 -15.81 4.36 -8.55
N GLN B 284 -15.88 4.93 -7.32
CA GLN B 284 -17.15 5.18 -6.63
C GLN B 284 -18.00 6.13 -7.46
N ALA B 285 -17.34 7.18 -8.01
CA ALA B 285 -17.97 8.19 -8.87
C ALA B 285 -18.55 7.51 -10.11
N LEU B 286 -17.75 6.68 -10.80
CA LEU B 286 -18.16 5.93 -11.98
C LEU B 286 -19.41 5.11 -11.73
N SER B 287 -19.45 4.46 -10.58
CA SER B 287 -20.55 3.59 -10.16
C SER B 287 -21.79 4.36 -9.70
N ASN B 288 -21.68 5.71 -9.58
CA ASN B 288 -22.73 6.60 -9.05
C ASN B 288 -23.08 6.13 -7.64
N ASN B 289 -22.01 5.83 -6.86
CA ASN B 289 -22.05 5.35 -5.48
C ASN B 289 -22.94 4.10 -5.29
N LYS B 290 -23.16 3.31 -6.37
CA LYS B 290 -23.97 2.08 -6.33
C LYS B 290 -23.08 0.87 -6.08
N LEU B 291 -21.73 1.08 -6.13
CA LEU B 291 -20.75 0.04 -5.82
C LEU B 291 -20.25 0.25 -4.41
N ALA B 292 -20.46 -0.77 -3.54
CA ALA B 292 -20.00 -0.77 -2.16
C ALA B 292 -18.48 -0.69 -2.12
N THR B 293 -17.96 0.19 -1.28
CA THR B 293 -16.53 0.42 -1.11
C THR B 293 -15.80 -0.86 -0.64
N ASP B 294 -16.48 -1.75 0.11
CA ASP B 294 -15.87 -3.00 0.57
C ASP B 294 -15.65 -4.02 -0.59
N ARG B 295 -16.13 -3.71 -1.79
CA ARG B 295 -15.96 -4.55 -2.96
C ARG B 295 -14.72 -4.12 -3.78
N ILE B 296 -13.99 -3.09 -3.28
CA ILE B 296 -12.76 -2.51 -3.83
C ILE B 296 -11.57 -2.95 -2.96
N TYR B 297 -10.66 -3.78 -3.52
CA TYR B 297 -9.50 -4.25 -2.74
C TYR B 297 -8.19 -3.81 -3.41
N ILE B 298 -7.28 -3.24 -2.62
CA ILE B 298 -5.96 -2.86 -3.08
C ILE B 298 -5.08 -4.06 -2.74
N THR B 299 -4.63 -4.80 -3.76
CA THR B 299 -3.86 -6.03 -3.58
C THR B 299 -2.46 -5.86 -4.24
N PRO B 300 -1.51 -5.13 -3.60
CA PRO B 300 -0.23 -4.84 -4.29
C PRO B 300 0.63 -6.07 -4.63
N TYR B 301 0.37 -7.19 -3.97
CA TYR B 301 1.18 -8.36 -4.17
C TYR B 301 0.46 -9.41 -5.03
N ALA B 302 -0.70 -9.05 -5.63
CA ALA B 302 -1.38 -9.99 -6.53
C ALA B 302 -0.50 -10.20 -7.76
N ALA B 303 -0.45 -11.42 -8.25
CA ALA B 303 0.35 -11.78 -9.43
C ALA B 303 -0.20 -11.19 -10.71
N VAL B 304 0.68 -10.91 -11.67
CA VAL B 304 0.37 -10.45 -13.04
C VAL B 304 0.30 -11.75 -13.87
N LYS B 305 -0.91 -12.26 -14.09
CA LYS B 305 -1.12 -13.57 -14.76
C LYS B 305 -0.83 -13.57 -16.30
N PRO B 306 -0.43 -14.73 -16.88
CA PRO B 306 -0.02 -14.75 -18.30
C PRO B 306 -1.06 -14.31 -19.33
N SER B 307 -2.35 -14.72 -19.16
CA SER B 307 -3.41 -14.40 -20.11
C SER B 307 -4.02 -13.00 -19.86
N LEU B 308 -3.43 -12.18 -18.97
CA LEU B 308 -3.90 -10.82 -18.71
C LEU B 308 -3.72 -9.97 -19.98
N GLY B 309 -4.82 -9.40 -20.47
CA GLY B 309 -4.78 -8.61 -21.70
C GLY B 309 -5.26 -9.35 -22.93
N ALA B 310 -5.36 -10.70 -22.87
CA ALA B 310 -5.88 -11.52 -23.97
C ALA B 310 -7.38 -11.31 -24.11
N GLN B 311 -7.96 -11.68 -25.27
CA GLN B 311 -9.40 -11.52 -25.49
C GLN B 311 -10.17 -12.38 -24.48
N GLU B 312 -9.59 -13.54 -24.14
CA GLU B 312 -10.13 -14.45 -23.15
C GLU B 312 -9.09 -14.73 -22.06
N LEU B 313 -9.46 -14.48 -20.80
CA LEU B 313 -8.65 -14.84 -19.64
C LEU B 313 -8.79 -16.36 -19.50
N THR B 314 -7.71 -17.10 -19.14
CA THR B 314 -7.85 -18.56 -18.97
C THR B 314 -8.67 -18.82 -17.71
N GLN B 315 -9.30 -19.98 -17.58
CA GLN B 315 -10.10 -20.25 -16.38
C GLN B 315 -9.23 -20.14 -15.14
N ALA B 316 -7.97 -20.63 -15.20
CA ALA B 316 -7.00 -20.56 -14.11
C ALA B 316 -6.67 -19.10 -13.72
N ASP B 317 -6.42 -18.20 -14.72
CA ASP B 317 -6.14 -16.80 -14.45
C ASP B 317 -7.38 -16.06 -13.95
N TYR B 318 -8.57 -16.41 -14.49
CA TYR B 318 -9.84 -15.82 -14.06
C TYR B 318 -10.12 -16.24 -12.61
N ASN B 319 -10.03 -17.55 -12.30
CA ASN B 319 -10.25 -18.07 -10.94
C ASN B 319 -9.28 -17.44 -9.95
N TYR B 320 -8.07 -17.11 -10.40
CA TYR B 320 -7.06 -16.48 -9.58
C TYR B 320 -7.53 -15.10 -9.12
N TYR B 321 -7.90 -14.21 -10.06
CA TYR B 321 -8.30 -12.87 -9.71
C TYR B 321 -9.68 -12.83 -9.04
N ASN B 322 -10.63 -13.59 -9.56
CA ASN B 322 -12.00 -13.63 -9.08
C ASN B 322 -12.15 -14.28 -7.70
N ASN B 323 -11.54 -15.48 -7.50
CA ASN B 323 -11.70 -16.26 -6.27
C ASN B 323 -10.50 -16.16 -5.33
N THR B 324 -9.31 -16.40 -5.85
CA THR B 324 -8.09 -16.43 -5.04
C THR B 324 -7.79 -15.03 -4.50
N VAL B 325 -7.92 -13.96 -5.33
CA VAL B 325 -7.57 -12.60 -4.89
C VAL B 325 -8.79 -11.87 -4.31
N TRP B 326 -9.78 -11.56 -5.15
CA TRP B 326 -10.96 -10.83 -4.72
C TRP B 326 -11.80 -11.64 -3.71
N GLY B 327 -12.13 -12.89 -4.06
CA GLY B 327 -12.98 -13.76 -3.25
C GLY B 327 -12.52 -14.02 -1.84
N ALA B 328 -11.21 -14.27 -1.66
CA ALA B 328 -10.59 -14.56 -0.37
C ALA B 328 -10.73 -13.35 0.56
N ARG B 329 -10.42 -12.14 0.07
CA ARG B 329 -10.56 -10.90 0.87
C ARG B 329 -12.03 -10.71 1.31
N HIS B 330 -12.97 -10.89 0.38
CA HIS B 330 -14.40 -10.76 0.63
C HIS B 330 -14.94 -11.80 1.61
N ASN B 331 -14.50 -13.08 1.46
CA ASN B 331 -14.96 -14.17 2.30
C ASN B 331 -14.49 -14.03 3.73
N ARG B 332 -13.21 -13.63 3.93
CA ARG B 332 -12.62 -13.43 5.25
C ARG B 332 -13.40 -12.37 6.08
N ARG B 333 -13.80 -11.27 5.43
CA ARG B 333 -14.57 -10.21 6.03
C ARG B 333 -15.92 -10.73 6.53
N ILE B 334 -16.57 -11.61 5.76
CA ILE B 334 -17.86 -12.20 6.10
C ILE B 334 -17.67 -13.23 7.22
N ILE B 335 -16.70 -14.15 7.07
CA ILE B 335 -16.48 -15.24 8.04
C ILE B 335 -16.15 -14.68 9.43
N ALA B 336 -15.22 -13.70 9.51
CA ALA B 336 -14.83 -13.07 10.77
C ALA B 336 -16.01 -12.44 11.50
N ASN B 337 -16.89 -11.72 10.77
CA ASN B 337 -18.04 -11.07 11.37
C ASN B 337 -19.16 -12.03 11.69
N GLU B 338 -19.39 -13.06 10.86
CA GLU B 338 -20.45 -14.05 11.13
C GLU B 338 -20.07 -15.00 12.25
N VAL B 339 -18.77 -15.38 12.38
CA VAL B 339 -18.37 -16.32 13.42
C VAL B 339 -18.02 -15.63 14.78
N PHE B 340 -17.28 -14.51 14.79
CA PHE B 340 -16.84 -13.88 16.02
C PHE B 340 -17.83 -12.83 16.56
N THR B 341 -19.13 -13.13 16.54
CA THR B 341 -20.15 -12.19 17.02
C THR B 341 -20.05 -11.85 18.53
N ASN B 342 -19.36 -12.67 19.33
CA ASN B 342 -19.24 -12.50 20.78
C ASN B 342 -18.06 -11.64 21.17
N ILE B 343 -17.22 -11.29 20.18
CA ILE B 343 -16.04 -10.45 20.32
C ILE B 343 -16.39 -9.06 19.76
N THR B 344 -16.15 -8.01 20.57
CA THR B 344 -16.40 -6.61 20.24
C THR B 344 -15.65 -6.26 18.99
N SER B 345 -16.33 -5.57 18.06
CA SER B 345 -15.72 -5.17 16.80
C SER B 345 -14.95 -3.87 16.96
N ILE B 346 -13.76 -3.85 16.37
CA ILE B 346 -12.89 -2.69 16.31
C ILE B 346 -13.12 -2.00 15.00
N PHE B 347 -13.14 -0.66 15.01
CA PHE B 347 -13.20 0.16 13.81
C PHE B 347 -12.06 1.17 13.89
N LEU B 348 -11.18 1.21 12.88
CA LEU B 348 -10.10 2.18 12.83
C LEU B 348 -10.55 3.36 11.96
N PRO B 349 -10.17 4.64 12.23
CA PRO B 349 -10.61 5.73 11.34
C PRO B 349 -9.91 5.75 10.01
N ASP B 350 -10.52 6.42 9.02
CA ASP B 350 -9.93 6.68 7.72
C ASP B 350 -8.96 7.84 7.90
N ARG B 351 -8.21 8.24 6.84
CA ARG B 351 -7.30 9.37 7.08
C ARG B 351 -8.14 10.67 7.25
N PRO B 352 -7.64 11.67 8.00
CA PRO B 352 -8.45 12.88 8.18
C PRO B 352 -8.70 13.61 6.89
N ALA B 353 -9.72 14.44 6.87
CA ALA B 353 -9.98 15.31 5.74
C ALA B 353 -8.87 16.35 5.76
N ILE B 354 -8.18 16.52 4.62
CA ILE B 354 -7.04 17.45 4.51
C ILE B 354 -7.25 18.34 3.28
N PRO B 355 -6.56 19.52 3.18
CA PRO B 355 -6.69 20.35 1.98
C PRO B 355 -6.53 19.55 0.67
N GLY B 356 -7.36 19.87 -0.34
CA GLY B 356 -7.33 19.19 -1.64
C GLY B 356 -8.41 18.14 -1.78
N ASP B 357 -8.96 17.66 -0.63
CA ASP B 357 -10.07 16.70 -0.58
C ASP B 357 -11.34 17.42 -0.99
N TYR B 358 -12.28 16.71 -1.65
CA TYR B 358 -13.50 17.38 -2.12
C TYR B 358 -14.31 18.06 -1.00
N THR B 359 -14.46 17.38 0.15
CA THR B 359 -15.29 17.87 1.26
C THR B 359 -14.58 18.82 2.25
N TYR B 360 -13.24 18.89 2.25
CA TYR B 360 -12.48 19.70 3.19
C TYR B 360 -12.92 21.15 3.21
N SER B 361 -12.98 21.79 2.03
CA SER B 361 -13.34 23.20 1.95
C SER B 361 -14.24 23.45 0.74
N LYS B 362 -15.26 24.31 0.93
CA LYS B 362 -16.23 24.68 -0.10
C LYS B 362 -16.56 26.17 0.08
N PRO B 363 -16.08 27.06 -0.81
CA PRO B 363 -15.28 26.80 -2.03
C PRO B 363 -13.85 26.43 -1.68
N PRO B 364 -13.16 25.64 -2.50
CA PRO B 364 -11.76 25.35 -2.19
C PRO B 364 -10.89 26.57 -2.49
N LYS B 365 -9.81 26.72 -1.72
CA LYS B 365 -8.82 27.76 -1.88
C LYS B 365 -7.68 27.21 -2.72
N ILE B 366 -6.99 28.05 -3.49
CA ILE B 366 -5.83 27.63 -4.28
C ILE B 366 -4.72 27.09 -3.32
N GLU B 367 -4.53 27.74 -2.14
CA GLU B 367 -3.54 27.35 -1.14
C GLU B 367 -3.77 25.92 -0.66
N ASP B 368 -5.04 25.43 -0.71
CA ASP B 368 -5.39 24.07 -0.31
C ASP B 368 -4.66 23.05 -1.20
N PHE B 369 -4.66 23.29 -2.53
CA PHE B 369 -4.02 22.37 -3.48
C PHE B 369 -2.49 22.52 -3.44
N LEU B 370 -1.97 23.69 -3.09
CA LEU B 370 -0.52 23.89 -2.98
C LEU B 370 0.03 23.07 -1.80
N MSE B 371 -0.76 23.04 -0.70
CA MSE B 371 -0.49 22.27 0.49
C MSE B 371 -0.53 20.79 0.17
O MSE B 371 0.34 20.03 0.61
CB MSE B 371 -1.48 22.64 1.57
CG MSE B 371 -1.12 23.98 2.23
SE MSE B 371 -2.17 24.29 3.85
CE MSE B 371 -3.77 24.91 3.02
N ARG B 372 -1.49 20.37 -0.67
CA ARG B 372 -1.65 18.98 -1.05
C ARG B 372 -0.55 18.56 -1.99
N LEU B 373 -0.07 19.47 -2.87
CA LEU B 373 1.03 19.21 -3.79
C LEU B 373 2.32 18.91 -2.99
N LYS B 374 2.63 19.75 -1.97
CA LYS B 374 3.81 19.57 -1.12
C LYS B 374 3.73 18.21 -0.39
N PHE B 375 2.55 17.91 0.18
CA PHE B 375 2.28 16.70 0.93
C PHE B 375 2.46 15.47 0.03
N SER B 376 1.82 15.46 -1.14
CA SER B 376 1.92 14.40 -2.14
C SER B 376 3.36 14.14 -2.61
N LEU B 377 4.20 15.20 -2.69
CA LEU B 377 5.60 15.04 -3.10
C LEU B 377 6.44 14.49 -1.93
N ALA B 378 6.28 15.00 -0.71
CA ALA B 378 7.08 14.58 0.46
C ALA B 378 6.79 13.17 0.95
N GLU B 379 5.49 12.76 0.96
CA GLU B 379 5.04 11.49 1.50
C GLU B 379 5.19 10.25 0.57
N PRO B 380 5.91 9.20 1.06
CA PRO B 380 6.13 7.99 0.21
C PRO B 380 4.84 7.29 -0.19
N THR B 381 3.80 7.43 0.64
CA THR B 381 2.48 6.81 0.44
C THR B 381 1.69 7.48 -0.68
N GLU B 382 2.04 8.73 -1.02
CA GLU B 382 1.34 9.55 -1.99
C GLU B 382 1.93 9.57 -3.39
N MSE B 383 1.04 9.87 -4.34
CA MSE B 383 1.16 10.13 -5.78
C MSE B 383 1.00 11.63 -5.99
O MSE B 383 0.15 12.22 -5.32
CB MSE B 383 -0.06 9.42 -6.42
CG MSE B 383 0.23 8.54 -7.59
SE MSE B 383 -1.02 7.01 -7.50
CE MSE B 383 -2.78 7.80 -7.05
N LEU B 384 1.71 12.25 -6.93
CA LEU B 384 1.52 13.69 -7.19
C LEU B 384 0.09 14.01 -7.67
N SER B 385 -0.56 13.09 -8.39
CA SER B 385 -1.93 13.27 -8.90
C SER B 385 -2.98 13.37 -7.75
N ASN B 386 -2.61 13.01 -6.51
CA ASN B 386 -3.48 13.12 -5.33
C ASN B 386 -3.77 14.58 -5.02
N THR B 387 -2.89 15.49 -5.47
CA THR B 387 -3.01 16.94 -5.33
C THR B 387 -4.41 17.45 -5.71
N VAL B 388 -4.98 16.91 -6.82
CA VAL B 388 -6.25 17.34 -7.44
C VAL B 388 -7.22 16.14 -7.71
N GLY B 389 -6.67 14.91 -7.76
CA GLY B 389 -7.39 13.67 -8.03
C GLY B 389 -8.62 13.44 -7.17
N PHE B 390 -8.46 13.59 -5.84
CA PHE B 390 -9.55 13.43 -4.87
C PHE B 390 -10.62 14.53 -5.06
N TRP B 391 -10.19 15.79 -5.32
CA TRP B 391 -11.12 16.89 -5.53
C TRP B 391 -11.95 16.71 -6.80
N MSE B 392 -11.28 16.57 -7.99
CA MSE B 392 -11.93 16.43 -9.29
C MSE B 392 -12.86 15.18 -9.36
O MSE B 392 -13.95 15.26 -9.96
CB MSE B 392 -10.89 16.38 -10.42
CG MSE B 392 -11.47 16.48 -11.83
SE MSE B 392 -12.76 17.93 -12.08
CE MSE B 392 -11.60 19.42 -12.32
N ALA B 393 -12.48 14.05 -8.71
CA ALA B 393 -13.34 12.86 -8.69
C ALA B 393 -14.68 13.17 -8.00
N GLY B 394 -14.61 13.91 -6.87
CA GLY B 394 -15.76 14.35 -6.09
C GLY B 394 -16.64 15.34 -6.84
N GLU B 395 -16.01 16.31 -7.51
CA GLU B 395 -16.73 17.32 -8.30
C GLU B 395 -17.48 16.69 -9.47
N LEU B 396 -16.83 15.80 -10.21
CA LEU B 396 -17.44 15.10 -11.35
C LEU B 396 -18.64 14.27 -10.87
N ALA B 397 -18.47 13.53 -9.75
CA ALA B 397 -19.54 12.74 -9.12
C ALA B 397 -20.74 13.63 -8.74
N GLU B 398 -20.47 14.72 -7.98
CA GLU B 398 -21.47 15.71 -7.55
C GLU B 398 -22.24 16.29 -8.73
N LYS B 399 -21.54 16.65 -9.83
CA LYS B 399 -22.17 17.30 -10.97
C LYS B 399 -22.62 16.33 -12.05
N ASN B 400 -22.57 15.00 -11.75
CA ASN B 400 -22.98 13.88 -12.61
C ASN B 400 -22.28 13.95 -13.98
N TRP B 401 -20.97 14.29 -14.02
CA TRP B 401 -20.12 14.34 -15.22
C TRP B 401 -20.62 15.38 -16.26
N ASN B 402 -21.39 16.39 -15.82
CA ASN B 402 -21.87 17.41 -16.73
C ASN B 402 -20.84 18.55 -16.78
N TYR B 403 -20.07 18.65 -17.90
CA TYR B 403 -18.99 19.63 -18.11
C TYR B 403 -19.43 21.08 -17.96
N ASN B 404 -20.68 21.35 -18.28
CA ASN B 404 -21.20 22.71 -18.25
C ASN B 404 -21.48 23.19 -16.82
N LYS B 405 -21.58 22.27 -15.85
CA LYS B 405 -21.92 22.59 -14.46
C LYS B 405 -20.73 22.52 -13.50
N ILE B 406 -19.62 21.87 -13.89
CA ILE B 406 -18.48 21.72 -12.97
C ILE B 406 -17.69 23.02 -12.86
N SER B 407 -17.11 23.23 -11.68
CA SER B 407 -16.23 24.36 -11.48
C SER B 407 -14.82 23.80 -11.42
N ILE B 408 -13.88 24.53 -12.00
CA ILE B 408 -12.49 24.11 -12.10
C ILE B 408 -11.61 25.13 -11.39
N PRO B 409 -11.15 24.83 -10.13
CA PRO B 409 -10.25 25.77 -9.41
C PRO B 409 -9.02 26.11 -10.22
N GLY B 410 -8.75 27.40 -10.33
CA GLY B 410 -7.66 27.90 -11.15
C GLY B 410 -8.08 28.26 -12.57
N ILE B 411 -9.32 27.90 -12.98
CA ILE B 411 -9.84 28.18 -14.32
C ILE B 411 -11.15 28.97 -14.23
N THR B 412 -12.15 28.43 -13.51
CA THR B 412 -13.44 29.09 -13.37
C THR B 412 -13.58 29.75 -12.01
N THR B 413 -12.79 29.33 -11.02
CA THR B 413 -12.88 29.83 -9.65
C THR B 413 -11.50 30.09 -9.02
N GLY B 414 -11.50 30.84 -7.94
CA GLY B 414 -10.31 31.17 -7.17
C GLY B 414 -9.60 32.45 -7.59
N PHE B 415 -10.27 33.31 -8.38
CA PHE B 415 -9.67 34.55 -8.82
C PHE B 415 -9.65 35.58 -7.71
N PRO B 416 -8.62 36.47 -7.67
CA PRO B 416 -8.61 37.52 -6.62
C PRO B 416 -9.87 38.39 -6.69
N GLU B 417 -10.33 38.88 -5.54
CA GLU B 417 -11.49 39.77 -5.42
C GLU B 417 -11.37 40.90 -6.46
N GLY B 418 -12.39 41.02 -7.30
CA GLY B 418 -12.44 42.01 -8.37
C GLY B 418 -12.15 41.47 -9.76
N ILE B 419 -11.56 40.26 -9.84
CA ILE B 419 -11.22 39.58 -11.09
C ILE B 419 -12.16 38.39 -11.28
N SER B 420 -12.63 38.17 -12.52
CA SER B 420 -13.56 37.09 -12.87
C SER B 420 -12.93 35.99 -13.74
N THR B 421 -11.93 36.35 -14.56
CA THR B 421 -11.24 35.40 -15.44
C THR B 421 -9.84 35.95 -15.79
N TYR B 422 -9.04 35.18 -16.55
CA TYR B 422 -7.71 35.58 -17.01
C TYR B 422 -7.84 36.65 -18.11
N PRO B 423 -7.00 37.72 -18.10
CA PRO B 423 -7.07 38.74 -19.15
C PRO B 423 -6.72 38.20 -20.54
N ASN B 424 -7.26 38.85 -21.59
CA ASN B 424 -7.11 38.47 -23.00
C ASN B 424 -5.86 39.10 -23.62
N ASN B 425 -5.71 40.43 -23.55
CA ASN B 425 -4.54 41.09 -24.13
C ASN B 425 -3.47 41.20 -23.06
N ASN B 426 -2.40 40.39 -23.19
CA ASN B 426 -1.36 40.37 -22.17
C ASN B 426 -0.05 40.93 -22.73
N PRO B 427 0.70 41.70 -21.90
CA PRO B 427 1.94 42.35 -22.38
C PRO B 427 2.92 41.36 -23.01
N VAL B 428 3.63 41.81 -24.04
CA VAL B 428 4.65 40.94 -24.67
C VAL B 428 5.83 40.75 -23.69
N ILE B 429 6.59 39.67 -23.88
CA ILE B 429 7.74 39.41 -23.03
C ILE B 429 8.90 40.32 -23.52
N GLN B 430 9.33 41.27 -22.68
CA GLN B 430 10.41 42.20 -22.99
C GLN B 430 11.76 41.66 -22.48
N ARG B 431 12.62 41.19 -23.39
CA ARG B 431 13.93 40.63 -23.03
C ARG B 431 15.00 41.73 -23.00
CL CL C . 2.36 -1.14 19.99
CL CL D . -4.70 -15.83 34.08
S SO4 E . 28.86 -6.45 -10.73
O1 SO4 E . 30.14 -5.89 -11.19
O2 SO4 E . 27.77 -5.56 -11.15
O3 SO4 E . 28.66 -7.80 -11.30
O4 SO4 E . 28.89 -6.56 -9.27
S SO4 F . -2.80 -14.42 6.94
O1 SO4 F . -4.08 -14.51 7.61
O2 SO4 F . -2.95 -14.89 5.54
O3 SO4 F . -2.35 -13.03 6.95
O4 SO4 F . -1.79 -15.26 7.62
S SO4 G . -7.14 -11.82 31.44
O1 SO4 G . -7.46 -10.76 32.41
O2 SO4 G . -7.89 -11.56 30.23
O3 SO4 G . -5.69 -11.87 31.17
O4 SO4 G . -7.57 -13.12 32.01
S SO4 H . -0.88 4.27 9.27
O1 SO4 H . -2.13 5.05 9.30
O2 SO4 H . 0.02 4.80 8.17
O3 SO4 H . -0.25 4.31 10.65
O4 SO4 H . -1.28 2.90 8.89
C1 PGE I . 10.90 14.32 -8.69
O1 PGE I . 11.13 13.34 -7.68
C2 PGE I . 9.42 14.65 -8.88
O2 PGE I . 9.26 15.79 -9.74
C3 PGE I . 9.00 16.99 -9.02
C4 PGE I . 7.87 17.74 -9.65
O4 PGE I . 4.25 20.32 -9.86
C6 PGE I . 5.05 19.16 -9.63
C5 PGE I . 6.41 19.52 -9.08
O3 PGE I . 7.13 18.39 -8.63
C1 PGE J . 6.22 32.06 3.59
O1 PGE J . 7.08 32.21 4.72
C2 PGE J . 5.16 31.02 3.83
O2 PGE J . 5.78 29.79 4.17
C3 PGE J . 4.91 28.85 4.77
C4 PGE J . 5.63 27.55 5.00
O4 PGE J . 9.44 27.84 6.86
C6 PGE J . 8.56 26.74 7.11
C5 PGE J . 7.53 26.55 6.00
O3 PGE J . 6.74 27.73 5.85
OH2 1PE K . 18.79 -4.82 -12.66
C12 1PE K . 18.89 -3.45 -13.06
C22 1PE K . 18.02 -2.56 -12.16
OH3 1PE K . 17.24 -1.59 -12.88
C13 1PE K . 14.79 -1.78 -12.57
C23 1PE K . 16.01 -2.05 -13.45
OH4 1PE K . 13.68 -2.49 -13.13
C14 1PE K . 12.37 -4.51 -12.75
C24 1PE K . 12.84 -3.16 -12.19
OH5 1PE K . 13.43 -5.48 -12.70
C15 1PE K . 14.04 -7.86 -12.95
C25 1PE K . 13.05 -6.82 -12.40
OH6 1PE K . 15.36 -7.35 -13.18
C16 1PE K . 16.46 -5.86 -14.81
C26 1PE K . 15.66 -7.16 -14.57
OH7 1PE K . 15.73 -4.90 -15.60
OH2 1PE L . -25.04 -33.89 3.17
C12 1PE L . -25.55 -35.16 2.74
C22 1PE L . -24.45 -36.06 2.19
OH3 1PE L . -23.41 -36.22 3.16
C13 1PE L . -23.37 -37.89 4.91
C23 1PE L . -23.09 -37.59 3.43
OH4 1PE L . -22.39 -38.78 5.46
C14 1PE L . -22.45 -38.00 7.86
C24 1PE L . -21.64 -38.25 6.57
OH5 1PE L . -22.02 -36.77 8.42
C15 1PE L . -23.08 -34.69 9.11
C25 1PE L . -22.99 -36.20 9.32
OH6 1PE L . -24.36 -34.38 8.57
C16 1PE L . -25.88 -32.74 7.63
C26 1PE L . -24.63 -32.97 8.48
OH7 1PE L . -25.58 -32.59 6.23
C1 PEG M . 7.27 -34.14 26.74
O1 PEG M . 6.06 -34.79 26.36
C2 PEG M . 7.33 -32.73 26.24
O2 PEG M . 8.65 -32.22 26.38
C3 PEG M . 8.72 -30.93 26.97
C4 PEG M . 9.51 -30.98 28.24
O4 PEG M . 8.76 -31.60 29.29
CL CL N . 1.55 -2.13 -17.84
S SO4 O . -6.99 5.15 4.88
O1 SO4 O . -7.85 6.34 4.68
O2 SO4 O . -5.92 5.09 3.86
O3 SO4 O . -6.43 5.20 6.22
O4 SO4 O . -7.80 3.95 4.82
S SO4 P . 4.38 10.53 -8.81
O1 SO4 P . 3.29 10.89 -9.69
O2 SO4 P . 5.57 11.34 -9.12
O3 SO4 P . 3.96 10.78 -7.44
O4 SO4 P . 4.68 9.10 -9.01
S SO4 Q . -30.37 2.00 -4.20
O1 SO4 Q . -30.95 2.29 -5.53
O2 SO4 Q . -29.08 2.68 -4.09
O3 SO4 Q . -31.26 2.47 -3.13
O4 SO4 Q . -30.19 0.54 -4.06
S SO4 R . -23.24 7.69 -15.44
O1 SO4 R . -22.96 9.05 -15.95
O2 SO4 R . -24.59 7.62 -14.89
O3 SO4 R . -23.14 6.73 -16.54
O4 SO4 R . -22.28 7.35 -14.39
S SO4 S . -14.03 33.11 -7.70
O1 SO4 S . -15.31 32.77 -8.34
O2 SO4 S . -12.98 33.17 -8.73
O3 SO4 S . -14.10 34.43 -7.07
O4 SO4 S . -13.71 32.09 -6.68
S SO4 T . -8.80 -22.20 -20.52
O1 SO4 T . -8.77 -20.94 -21.28
O2 SO4 T . -8.93 -23.32 -21.44
O3 SO4 T . -7.57 -22.36 -19.72
O4 SO4 T . -9.96 -22.21 -19.61
S SO4 U . -27.48 16.66 -15.00
O1 SO4 U . -28.27 17.78 -15.52
O2 SO4 U . -26.87 15.92 -16.11
O3 SO4 U . -26.45 17.18 -14.12
O4 SO4 U . -28.35 15.75 -14.24
S SO4 V . -21.46 -8.36 -20.97
O1 SO4 V . -22.55 -7.42 -20.77
O2 SO4 V . -21.15 -8.50 -22.40
O3 SO4 V . -20.29 -7.84 -20.24
O4 SO4 V . -21.85 -9.65 -20.41
C1 PGE W . 5.35 -17.88 1.65
O1 PGE W . 4.91 -17.91 0.30
C2 PGE W . 4.86 -19.05 2.41
O2 PGE W . 3.43 -19.06 2.39
C3 PGE W . 2.85 -19.93 3.36
C4 PGE W . 1.38 -19.68 3.40
O4 PGE W . -0.33 -20.59 -0.35
C6 PGE W . -1.06 -19.97 0.69
C5 PGE W . -0.16 -19.23 1.65
O3 PGE W . 0.82 -20.11 2.18
C1 PGE X . 22.55 38.83 -14.48
O1 PGE X . 23.58 37.92 -14.90
C2 PGE X . 21.76 38.32 -13.32
O2 PGE X . 22.55 38.31 -12.13
C3 PGE X . 21.89 38.87 -11.00
C4 PGE X . 21.93 37.96 -9.81
O4 PGE X . 23.02 37.47 -5.51
C6 PGE X . 23.05 38.17 -6.76
C5 PGE X . 23.24 37.25 -7.94
O3 PGE X . 23.21 37.97 -9.17
OH2 1PE Y . -4.94 -20.32 -10.70
C12 1PE Y . -3.65 -20.72 -11.19
C22 1PE Y . -3.11 -19.74 -12.24
OH3 1PE Y . -1.70 -19.87 -12.36
C13 1PE Y . -0.31 -19.22 -14.29
C23 1PE Y . -1.27 -20.25 -13.68
OH4 1PE Y . 0.71 -18.82 -13.38
C14 1PE Y . 2.51 -17.14 -13.80
C24 1PE Y . 1.97 -18.56 -14.03
OH5 1PE Y . 1.95 -16.53 -12.62
C15 1PE Y . 3.00 -15.92 -10.51
C25 1PE Y . 2.83 -15.58 -11.99
OH6 1PE Y . 1.79 -16.40 -9.94
C16 1PE Y . 1.19 -17.75 -8.01
C26 1PE Y . 1.84 -16.47 -8.51
OH7 1PE Y . -0.12 -17.47 -7.51
C1 PEG Z . 8.11 -28.03 1.88
O1 PEG Z . 9.25 -28.53 1.16
C2 PEG Z . 7.15 -29.11 2.26
O2 PEG Z . 7.76 -30.04 3.14
C3 PEG Z . 6.91 -31.09 3.53
C4 PEG Z . 7.72 -32.25 4.05
O4 PEG Z . 8.32 -33.02 3.01
C1 PEG AA . -2.26 16.46 -11.95
O1 PEG AA . -1.26 16.86 -10.99
C2 PEG AA . -2.15 15.00 -12.29
O2 PEG AA . -3.30 14.54 -12.99
C3 PEG AA . -3.00 13.47 -13.87
C4 PEG AA . -3.87 12.29 -13.57
O4 PEG AA . -3.41 11.15 -14.29
#